data_5XK0
# 
_entry.id   5XK0 
# 
_audit_conform.dict_name       mmcif_pdbx.dic 
_audit_conform.dict_version    5.380 
_audit_conform.dict_location   http://mmcif.pdb.org/dictionaries/ascii/mmcif_pdbx.dic 
# 
loop_
_database_2.database_id 
_database_2.database_code 
_database_2.pdbx_database_accession 
_database_2.pdbx_DOI 
PDB   5XK0         pdb_00005xk0 10.2210/pdb5xk0/pdb 
WWPDB D_1300003666 ?            ?                   
# 
_pdbx_database_status.status_code                     REL 
_pdbx_database_status.status_code_sf                  REL 
_pdbx_database_status.status_code_mr                  ? 
_pdbx_database_status.entry_id                        5XK0 
_pdbx_database_status.recvd_initial_deposition_date   2017-05-04 
_pdbx_database_status.SG_entry                        N 
_pdbx_database_status.deposit_site                    PDBJ 
_pdbx_database_status.process_site                    PDBJ 
_pdbx_database_status.status_code_cs                  ? 
_pdbx_database_status.methods_development_category    ? 
_pdbx_database_status.pdb_format_compatible           Y 
_pdbx_database_status.status_code_nmr_data            ? 
# 
loop_
_audit_author.name 
_audit_author.pdbx_ordinal 
_audit_author.identifier_ORCID 
'Liu, H.H.' 1 ? 
'Gan, J.H.' 2 ? 
# 
_citation.abstract                  ? 
_citation.abstract_id_CAS           ? 
_citation.book_id_ISBN              ? 
_citation.book_publisher            ? 
_citation.book_publisher_city       ? 
_citation.book_title                ? 
_citation.coordinate_linkage        ? 
_citation.country                   GE 
_citation.database_id_Medline       ? 
_citation.details                   ? 
_citation.id                        primary 
_citation.journal_abbrev            'Angew. Chem. Int. Ed. Engl.' 
_citation.journal_id_ASTM           ACIEAY 
_citation.journal_id_CSD            0179 
_citation.journal_id_ISSN           1521-3773 
_citation.journal_full              ? 
_citation.journal_issue             ? 
_citation.journal_volume            56 
_citation.language                  ? 
_citation.page_first                9430 
_citation.page_last                 9434 
_citation.title                     'A DNA Structure Containing AgI -Mediated G:G and C:C Base Pairs' 
_citation.year                      2017 
_citation.database_id_CSD           ? 
_citation.pdbx_database_id_DOI      10.1002/anie.201704891 
_citation.pdbx_database_id_PubMed   28635152 
_citation.unpublished_flag          ? 
# 
loop_
_citation_author.citation_id 
_citation_author.name 
_citation_author.ordinal 
_citation_author.identifier_ORCID 
primary 'Liu, H.H.'           1  ? 
primary 'Shen, F.S.'          2  ? 
primary 'Haruehanroengra, P.' 3  ? 
primary 'Yao, Q.Q.'           4  ? 
primary 'Cheng, Y.S.'         5  ? 
primary 'Chen, Y.Q.'          6  ? 
primary 'Yang, C.'            7  ? 
primary 'Zhang, J.'           8  ? 
primary 'Wu, B.X.'            9  ? 
primary 'Luo, Q.'             10 ? 
primary 'Cui, R.X.'           11 ? 
primary 'Li, J.X.'            12 ? 
primary 'Ma, J.B.'            13 ? 
primary 'Sheng, J.'           14 ? 
primary 'Gan, J.H.'           15 ? 
# 
_cell.angle_alpha                  90.00 
_cell.angle_alpha_esd              ? 
_cell.angle_beta                   90.00 
_cell.angle_beta_esd               ? 
_cell.angle_gamma                  90.00 
_cell.angle_gamma_esd              ? 
_cell.entry_id                     5XK0 
_cell.details                      ? 
_cell.formula_units_Z              ? 
_cell.length_a                     42.012 
_cell.length_a_esd                 ? 
_cell.length_b                     42.012 
_cell.length_b_esd                 ? 
_cell.length_c                     25.016 
_cell.length_c_esd                 ? 
_cell.volume                       ? 
_cell.volume_esd                   ? 
_cell.Z_PDB                        8 
_cell.reciprocal_angle_alpha       ? 
_cell.reciprocal_angle_beta        ? 
_cell.reciprocal_angle_gamma       ? 
_cell.reciprocal_angle_alpha_esd   ? 
_cell.reciprocal_angle_beta_esd    ? 
_cell.reciprocal_angle_gamma_esd   ? 
_cell.reciprocal_length_a          ? 
_cell.reciprocal_length_b          ? 
_cell.reciprocal_length_c          ? 
_cell.reciprocal_length_a_esd      ? 
_cell.reciprocal_length_b_esd      ? 
_cell.reciprocal_length_c_esd      ? 
_cell.pdbx_unique_axis             ? 
# 
_symmetry.entry_id                         5XK0 
_symmetry.cell_setting                     ? 
_symmetry.Int_Tables_number                96 
_symmetry.space_group_name_Hall            ? 
_symmetry.space_group_name_H-M             'P 43 21 2' 
_symmetry.pdbx_full_space_group_name_H-M   ? 
# 
loop_
_entity.id 
_entity.type 
_entity.src_method 
_entity.pdbx_description 
_entity.formula_weight 
_entity.pdbx_number_of_molecules 
_entity.pdbx_ec 
_entity.pdbx_mutation 
_entity.pdbx_fragment 
_entity.details 
1 polymer syn 
;DNA (5'-D(*GP*CP*CP*CP*GP*AP*GP*C)-3')
;
2412.594 1  ? ? ? ? 
2 water   nat water                                    18.015   36 ? ? ? ? 
# 
_entity_poly.entity_id                      1 
_entity_poly.type                           polydeoxyribonucleotide 
_entity_poly.nstd_linkage                   no 
_entity_poly.nstd_monomer                   no 
_entity_poly.pdbx_seq_one_letter_code       '(DG)(DC)(DC)(DC)(DG)(DA)(DG)(DC)' 
_entity_poly.pdbx_seq_one_letter_code_can   GCCCGAGC 
_entity_poly.pdbx_strand_id                 A 
_entity_poly.pdbx_target_identifier         ? 
# 
loop_
_entity_poly_seq.entity_id 
_entity_poly_seq.num 
_entity_poly_seq.mon_id 
_entity_poly_seq.hetero 
1 1 DG n 
1 2 DC n 
1 3 DC n 
1 4 DC n 
1 5 DG n 
1 6 DA n 
1 7 DG n 
1 8 DC n 
# 
_pdbx_entity_src_syn.entity_id              1 
_pdbx_entity_src_syn.pdbx_src_id            1 
_pdbx_entity_src_syn.pdbx_alt_source_flag   sample 
_pdbx_entity_src_syn.pdbx_beg_seq_num       1 
_pdbx_entity_src_syn.pdbx_end_seq_num       8 
_pdbx_entity_src_syn.organism_scientific    'synthetic construct' 
_pdbx_entity_src_syn.organism_common_name   ? 
_pdbx_entity_src_syn.ncbi_taxonomy_id       32630 
_pdbx_entity_src_syn.details                ? 
# 
_struct_ref.id                         1 
_struct_ref.db_name                    PDB 
_struct_ref.db_code                    5XK0 
_struct_ref.pdbx_db_accession          5XK0 
_struct_ref.pdbx_db_isoform            ? 
_struct_ref.entity_id                  1 
_struct_ref.pdbx_seq_one_letter_code   ? 
_struct_ref.pdbx_align_begin           1 
# 
_struct_ref_seq.align_id                      1 
_struct_ref_seq.ref_id                        1 
_struct_ref_seq.pdbx_PDB_id_code              5XK0 
_struct_ref_seq.pdbx_strand_id                A 
_struct_ref_seq.seq_align_beg                 1 
_struct_ref_seq.pdbx_seq_align_beg_ins_code   ? 
_struct_ref_seq.seq_align_end                 8 
_struct_ref_seq.pdbx_seq_align_end_ins_code   ? 
_struct_ref_seq.pdbx_db_accession             5XK0 
_struct_ref_seq.db_align_beg                  1 
_struct_ref_seq.pdbx_db_align_beg_ins_code    ? 
_struct_ref_seq.db_align_end                  8 
_struct_ref_seq.pdbx_db_align_end_ins_code    ? 
_struct_ref_seq.pdbx_auth_seq_align_beg       1 
_struct_ref_seq.pdbx_auth_seq_align_end       8 
# 
loop_
_chem_comp.id 
_chem_comp.type 
_chem_comp.mon_nstd_flag 
_chem_comp.name 
_chem_comp.pdbx_synonyms 
_chem_comp.formula 
_chem_comp.formula_weight 
DA  'DNA linking' y "2'-DEOXYADENOSINE-5'-MONOPHOSPHATE" ? 'C10 H14 N5 O6 P' 331.222 
DC  'DNA linking' y "2'-DEOXYCYTIDINE-5'-MONOPHOSPHATE"  ? 'C9 H14 N3 O7 P'  307.197 
DG  'DNA linking' y "2'-DEOXYGUANOSINE-5'-MONOPHOSPHATE" ? 'C10 H14 N5 O7 P' 347.221 
HOH non-polymer   . WATER                                ? 'H2 O'            18.015  
# 
_exptl.absorpt_coefficient_mu     ? 
_exptl.absorpt_correction_T_max   ? 
_exptl.absorpt_correction_T_min   ? 
_exptl.absorpt_correction_type    ? 
_exptl.absorpt_process_details    ? 
_exptl.entry_id                   5XK0 
_exptl.crystals_number            1 
_exptl.details                    ? 
_exptl.method                     'X-RAY DIFFRACTION' 
_exptl.method_details             ? 
# 
_exptl_crystal.colour                      ? 
_exptl_crystal.density_diffrn              ? 
_exptl_crystal.density_Matthews            2.29 
_exptl_crystal.density_method              ? 
_exptl_crystal.density_percent_sol         46.23 
_exptl_crystal.description                 diamond 
_exptl_crystal.F_000                       ? 
_exptl_crystal.id                          1 
_exptl_crystal.preparation                 ? 
_exptl_crystal.size_max                    ? 
_exptl_crystal.size_mid                    ? 
_exptl_crystal.size_min                    ? 
_exptl_crystal.size_rad                    ? 
_exptl_crystal.colour_lustre               ? 
_exptl_crystal.colour_modifier             ? 
_exptl_crystal.colour_primary              ? 
_exptl_crystal.density_meas                ? 
_exptl_crystal.density_meas_esd            ? 
_exptl_crystal.density_meas_gt             ? 
_exptl_crystal.density_meas_lt             ? 
_exptl_crystal.density_meas_temp           ? 
_exptl_crystal.density_meas_temp_esd       ? 
_exptl_crystal.density_meas_temp_gt        ? 
_exptl_crystal.density_meas_temp_lt        ? 
_exptl_crystal.pdbx_crystal_image_url      ? 
_exptl_crystal.pdbx_crystal_image_format   ? 
_exptl_crystal.pdbx_mosaicity              ? 
_exptl_crystal.pdbx_mosaicity_esd          ? 
# 
_exptl_crystal_grow.apparatus       ? 
_exptl_crystal_grow.atmosphere      ? 
_exptl_crystal_grow.crystal_id      1 
_exptl_crystal_grow.details         ? 
_exptl_crystal_grow.method          'VAPOR DIFFUSION, HANGING DROP' 
_exptl_crystal_grow.method_ref      ? 
_exptl_crystal_grow.pH              6 
_exptl_crystal_grow.pressure        ? 
_exptl_crystal_grow.pressure_esd    ? 
_exptl_crystal_grow.seeding         ? 
_exptl_crystal_grow.seeding_ref     ? 
_exptl_crystal_grow.temp            291 
_exptl_crystal_grow.temp_details    ? 
_exptl_crystal_grow.temp_esd        ? 
_exptl_crystal_grow.time            ? 
_exptl_crystal_grow.pdbx_details    '10% v/v MPD, 40mM Sodium cacodylate pH 6.0, 12mM Spermine tetra-HCl, 80mM KCl, 20mM MgCl2' 
_exptl_crystal_grow.pdbx_pH_range   ? 
# 
_diffrn.ambient_environment    ? 
_diffrn.ambient_temp           100 
_diffrn.ambient_temp_details   ? 
_diffrn.ambient_temp_esd       ? 
_diffrn.crystal_id             1 
_diffrn.crystal_support        ? 
_diffrn.crystal_treatment      ? 
_diffrn.details                ? 
_diffrn.id                     1 
_diffrn.ambient_pressure       ? 
_diffrn.ambient_pressure_esd   ? 
_diffrn.ambient_pressure_gt    ? 
_diffrn.ambient_pressure_lt    ? 
_diffrn.ambient_temp_gt        ? 
_diffrn.ambient_temp_lt        ? 
# 
_diffrn_detector.details                      ? 
_diffrn_detector.detector                     PIXEL 
_diffrn_detector.diffrn_id                    1 
_diffrn_detector.type                         'DECTRIS PILATUS3 S 6M' 
_diffrn_detector.area_resol_mean              ? 
_diffrn_detector.dtime                        ? 
_diffrn_detector.pdbx_frames_total            ? 
_diffrn_detector.pdbx_collection_time_total   ? 
_diffrn_detector.pdbx_collection_date         2016-11-10 
# 
_diffrn_radiation.collimation                      ? 
_diffrn_radiation.diffrn_id                        1 
_diffrn_radiation.filter_edge                      ? 
_diffrn_radiation.inhomogeneity                    ? 
_diffrn_radiation.monochromator                    ? 
_diffrn_radiation.polarisn_norm                    ? 
_diffrn_radiation.polarisn_ratio                   ? 
_diffrn_radiation.probe                            ? 
_diffrn_radiation.type                             ? 
_diffrn_radiation.xray_symbol                      ? 
_diffrn_radiation.wavelength_id                    1 
_diffrn_radiation.pdbx_monochromatic_or_laue_m_l   M 
_diffrn_radiation.pdbx_wavelength_list             ? 
_diffrn_radiation.pdbx_wavelength                  ? 
_diffrn_radiation.pdbx_diffrn_protocol             'SINGLE WAVELENGTH' 
_diffrn_radiation.pdbx_analyzer                    ? 
_diffrn_radiation.pdbx_scattering_type             x-ray 
# 
_diffrn_radiation_wavelength.id           1 
_diffrn_radiation_wavelength.wavelength   0.979 
_diffrn_radiation_wavelength.wt           1.0 
# 
_diffrn_source.current                     ? 
_diffrn_source.details                     ? 
_diffrn_source.diffrn_id                   1 
_diffrn_source.power                       ? 
_diffrn_source.size                        ? 
_diffrn_source.source                      SYNCHROTRON 
_diffrn_source.target                      ? 
_diffrn_source.type                        'SSRF BEAMLINE BL19U1' 
_diffrn_source.voltage                     ? 
_diffrn_source.take-off_angle              ? 
_diffrn_source.pdbx_wavelength_list        0.979 
_diffrn_source.pdbx_wavelength             ? 
_diffrn_source.pdbx_synchrotron_beamline   BL19U1 
_diffrn_source.pdbx_synchrotron_site       SSRF 
# 
_reflns.B_iso_Wilson_estimate            ? 
_reflns.entry_id                         5XK0 
_reflns.data_reduction_details           ? 
_reflns.data_reduction_method            ? 
_reflns.d_resolution_high                1.45 
_reflns.d_resolution_low                 30 
_reflns.details                          ? 
_reflns.limit_h_max                      ? 
_reflns.limit_h_min                      ? 
_reflns.limit_k_max                      ? 
_reflns.limit_k_min                      ? 
_reflns.limit_l_max                      ? 
_reflns.limit_l_min                      ? 
_reflns.number_all                       ? 
_reflns.number_obs                       4199 
_reflns.observed_criterion               ? 
_reflns.observed_criterion_F_max         ? 
_reflns.observed_criterion_F_min         ? 
_reflns.observed_criterion_I_max         ? 
_reflns.observed_criterion_I_min         ? 
_reflns.observed_criterion_sigma_F       ? 
_reflns.observed_criterion_sigma_I       ? 
_reflns.percent_possible_obs             98.6 
_reflns.R_free_details                   ? 
_reflns.Rmerge_F_all                     ? 
_reflns.Rmerge_F_obs                     ? 
_reflns.Friedel_coverage                 ? 
_reflns.number_gt                        ? 
_reflns.threshold_expression             ? 
_reflns.pdbx_redundancy                  19.8 
_reflns.pdbx_Rmerge_I_obs                0.11 
_reflns.pdbx_Rmerge_I_all                ? 
_reflns.pdbx_Rsym_value                  ? 
_reflns.pdbx_netI_over_av_sigmaI         ? 
_reflns.pdbx_netI_over_sigmaI            82.3 
_reflns.pdbx_res_netI_over_av_sigmaI_2   ? 
_reflns.pdbx_res_netI_over_sigmaI_2      ? 
_reflns.pdbx_chi_squared                 ? 
_reflns.pdbx_scaling_rejects             ? 
_reflns.pdbx_d_res_high_opt              ? 
_reflns.pdbx_d_res_low_opt               ? 
_reflns.pdbx_d_res_opt_method            ? 
_reflns.phase_calculation_details        ? 
_reflns.pdbx_Rrim_I_all                  ? 
_reflns.pdbx_Rpim_I_all                  ? 
_reflns.pdbx_d_opt                       ? 
_reflns.pdbx_number_measured_all         ? 
_reflns.pdbx_diffrn_id                   1 
_reflns.pdbx_ordinal                     1 
_reflns.pdbx_CC_half                     ? 
_reflns.pdbx_R_split                     ? 
# 
_reflns_shell.d_res_high                  1.45 
_reflns_shell.d_res_low                   1.50 
_reflns_shell.meanI_over_sigI_all         ? 
_reflns_shell.meanI_over_sigI_obs         12.9 
_reflns_shell.number_measured_all         ? 
_reflns_shell.number_measured_obs         ? 
_reflns_shell.number_possible             ? 
_reflns_shell.number_unique_all           ? 
_reflns_shell.number_unique_obs           358 
_reflns_shell.percent_possible_all        87.5 
_reflns_shell.percent_possible_obs        ? 
_reflns_shell.Rmerge_F_all                ? 
_reflns_shell.Rmerge_F_obs                ? 
_reflns_shell.Rmerge_I_all                ? 
_reflns_shell.Rmerge_I_obs                0.358 
_reflns_shell.meanI_over_sigI_gt          ? 
_reflns_shell.meanI_over_uI_all           ? 
_reflns_shell.meanI_over_uI_gt            ? 
_reflns_shell.number_measured_gt          ? 
_reflns_shell.number_unique_gt            ? 
_reflns_shell.percent_possible_gt         ? 
_reflns_shell.Rmerge_F_gt                 ? 
_reflns_shell.Rmerge_I_gt                 ? 
_reflns_shell.pdbx_redundancy             13.8 
_reflns_shell.pdbx_Rsym_value             ? 
_reflns_shell.pdbx_chi_squared            ? 
_reflns_shell.pdbx_netI_over_sigmaI_all   ? 
_reflns_shell.pdbx_netI_over_sigmaI_obs   ? 
_reflns_shell.pdbx_Rrim_I_all             ? 
_reflns_shell.pdbx_Rpim_I_all             ? 
_reflns_shell.pdbx_rejects                ? 
_reflns_shell.pdbx_ordinal                1 
_reflns_shell.pdbx_diffrn_id              1 
_reflns_shell.pdbx_CC_half                ? 
_reflns_shell.pdbx_R_split                ? 
# 
_refine.aniso_B[1][1]                            ? 
_refine.aniso_B[1][2]                            ? 
_refine.aniso_B[1][3]                            ? 
_refine.aniso_B[2][2]                            ? 
_refine.aniso_B[2][3]                            ? 
_refine.aniso_B[3][3]                            ? 
_refine.B_iso_max                                ? 
_refine.B_iso_mean                               ? 
_refine.B_iso_min                                ? 
_refine.correlation_coeff_Fo_to_Fc               ? 
_refine.correlation_coeff_Fo_to_Fc_free          ? 
_refine.details                                  ? 
_refine.diff_density_max                         ? 
_refine.diff_density_max_esd                     ? 
_refine.diff_density_min                         ? 
_refine.diff_density_min_esd                     ? 
_refine.diff_density_rms                         ? 
_refine.diff_density_rms_esd                     ? 
_refine.entry_id                                 5XK0 
_refine.pdbx_refine_id                           'X-RAY DIFFRACTION' 
_refine.ls_abs_structure_details                 ? 
_refine.ls_abs_structure_Flack                   ? 
_refine.ls_abs_structure_Flack_esd               ? 
_refine.ls_abs_structure_Rogers                  ? 
_refine.ls_abs_structure_Rogers_esd              ? 
_refine.ls_d_res_high                            1.451 
_refine.ls_d_res_low                             29.707 
_refine.ls_extinction_coef                       ? 
_refine.ls_extinction_coef_esd                   ? 
_refine.ls_extinction_expression                 ? 
_refine.ls_extinction_method                     ? 
_refine.ls_goodness_of_fit_all                   ? 
_refine.ls_goodness_of_fit_all_esd               ? 
_refine.ls_goodness_of_fit_obs                   ? 
_refine.ls_goodness_of_fit_obs_esd               ? 
_refine.ls_hydrogen_treatment                    ? 
_refine.ls_matrix_type                           ? 
_refine.ls_number_constraints                    ? 
_refine.ls_number_parameters                     ? 
_refine.ls_number_reflns_all                     ? 
_refine.ls_number_reflns_obs                     4199 
_refine.ls_number_reflns_R_free                  190 
_refine.ls_number_reflns_R_work                  ? 
_refine.ls_number_restraints                     ? 
_refine.ls_percent_reflns_obs                    98.41 
_refine.ls_percent_reflns_R_free                 4.52 
_refine.ls_R_factor_all                          ? 
_refine.ls_R_factor_obs                          0.1810 
_refine.ls_R_factor_R_free                       0.1956 
_refine.ls_R_factor_R_free_error                 ? 
_refine.ls_R_factor_R_free_error_details         ? 
_refine.ls_R_factor_R_work                       0.1803 
_refine.ls_R_Fsqd_factor_obs                     ? 
_refine.ls_R_I_factor_obs                        ? 
_refine.ls_redundancy_reflns_all                 ? 
_refine.ls_redundancy_reflns_obs                 ? 
_refine.ls_restrained_S_all                      ? 
_refine.ls_restrained_S_obs                      ? 
_refine.ls_shift_over_esd_max                    ? 
_refine.ls_shift_over_esd_mean                   ? 
_refine.ls_structure_factor_coef                 ? 
_refine.ls_weighting_details                     ? 
_refine.ls_weighting_scheme                      ? 
_refine.ls_wR_factor_all                         ? 
_refine.ls_wR_factor_obs                         ? 
_refine.ls_wR_factor_R_free                      ? 
_refine.ls_wR_factor_R_work                      ? 
_refine.occupancy_max                            ? 
_refine.occupancy_min                            ? 
_refine.solvent_model_details                    ? 
_refine.solvent_model_param_bsol                 ? 
_refine.solvent_model_param_ksol                 ? 
_refine.ls_R_factor_gt                           ? 
_refine.ls_goodness_of_fit_gt                    ? 
_refine.ls_goodness_of_fit_ref                   ? 
_refine.ls_shift_over_su_max                     ? 
_refine.ls_shift_over_su_max_lt                  ? 
_refine.ls_shift_over_su_mean                    ? 
_refine.ls_shift_over_su_mean_lt                 ? 
_refine.pdbx_ls_sigma_I                          ? 
_refine.pdbx_ls_sigma_F                          1.42 
_refine.pdbx_ls_sigma_Fsqd                       ? 
_refine.pdbx_data_cutoff_high_absF               ? 
_refine.pdbx_data_cutoff_high_rms_absF           ? 
_refine.pdbx_data_cutoff_low_absF                ? 
_refine.pdbx_isotropic_thermal_model             ? 
_refine.pdbx_ls_cross_valid_method               'FREE R-VALUE' 
_refine.pdbx_method_to_determine_struct          'FOURIER SYNTHESIS' 
_refine.pdbx_starting_model                      5WSP 
_refine.pdbx_stereochemistry_target_values       ? 
_refine.pdbx_R_Free_selection_details            ? 
_refine.pdbx_stereochem_target_val_spec_case     ? 
_refine.pdbx_overall_ESU_R                       ? 
_refine.pdbx_overall_ESU_R_Free                  ? 
_refine.pdbx_solvent_vdw_probe_radii             1.11 
_refine.pdbx_solvent_ion_probe_radii             ? 
_refine.pdbx_solvent_shrinkage_radii             0.90 
_refine.pdbx_real_space_R                        ? 
_refine.pdbx_density_correlation                 ? 
_refine.pdbx_pd_number_of_powder_patterns        ? 
_refine.pdbx_pd_number_of_points                 ? 
_refine.pdbx_pd_meas_number_of_points            ? 
_refine.pdbx_pd_proc_ls_prof_R_factor            ? 
_refine.pdbx_pd_proc_ls_prof_wR_factor           ? 
_refine.pdbx_pd_Marquardt_correlation_coeff      ? 
_refine.pdbx_pd_Fsqrd_R_factor                   ? 
_refine.pdbx_pd_ls_matrix_band_width             ? 
_refine.pdbx_overall_phase_error                 18.60 
_refine.pdbx_overall_SU_R_free_Cruickshank_DPI   ? 
_refine.pdbx_overall_SU_R_free_Blow_DPI          ? 
_refine.pdbx_overall_SU_R_Blow_DPI               ? 
_refine.pdbx_TLS_residual_ADP_flag               ? 
_refine.pdbx_diffrn_id                           1 
_refine.overall_SU_B                             ? 
_refine.overall_SU_ML                            0.14 
_refine.overall_SU_R_Cruickshank_DPI             ? 
_refine.overall_SU_R_free                        ? 
_refine.overall_FOM_free_R_set                   ? 
_refine.overall_FOM_work_R_set                   ? 
_refine.pdbx_average_fsc_overall                 ? 
_refine.pdbx_average_fsc_work                    ? 
_refine.pdbx_average_fsc_free                    ? 
# 
_refine_hist.pdbx_refine_id                   'X-RAY DIFFRACTION' 
_refine_hist.cycle_id                         LAST 
_refine_hist.pdbx_number_atoms_protein        0 
_refine_hist.pdbx_number_atoms_nucleic_acid   160 
_refine_hist.pdbx_number_atoms_ligand         0 
_refine_hist.number_atoms_solvent             36 
_refine_hist.number_atoms_total               196 
_refine_hist.d_res_high                       1.451 
_refine_hist.d_res_low                        29.707 
# 
loop_
_refine_ls_restr.pdbx_refine_id 
_refine_ls_restr.criterion 
_refine_ls_restr.dev_ideal 
_refine_ls_restr.dev_ideal_target 
_refine_ls_restr.number 
_refine_ls_restr.rejects 
_refine_ls_restr.type 
_refine_ls_restr.weight 
_refine_ls_restr.pdbx_restraint_function 
'X-RAY DIFFRACTION' ? 0.006  ? 179 ? f_bond_d           ? ? 
'X-RAY DIFFRACTION' ? 0.919  ? 274 ? f_angle_d          ? ? 
'X-RAY DIFFRACTION' ? 14.560 ? 76  ? f_dihedral_angle_d ? ? 
'X-RAY DIFFRACTION' ? 0.041  ? 31  ? f_chiral_restr     ? ? 
'X-RAY DIFFRACTION' ? 0.009  ? 8   ? f_plane_restr      ? ? 
# 
_refine_ls_shell.pdbx_refine_id                   'X-RAY DIFFRACTION' 
_refine_ls_shell.d_res_high                       1.4513 
_refine_ls_shell.d_res_low                        1.50 
_refine_ls_shell.number_reflns_all                ? 
_refine_ls_shell.number_reflns_obs                ? 
_refine_ls_shell.number_reflns_R_free             190 
_refine_ls_shell.number_reflns_R_work             345 
_refine_ls_shell.percent_reflns_obs               98.00 
_refine_ls_shell.percent_reflns_R_free            ? 
_refine_ls_shell.R_factor_all                     ? 
_refine_ls_shell.R_factor_obs                     ? 
_refine_ls_shell.R_factor_R_free                  0.1956 
_refine_ls_shell.R_factor_R_free_error            ? 
_refine_ls_shell.R_factor_R_work                  0.1823 
_refine_ls_shell.redundancy_reflns_all            ? 
_refine_ls_shell.redundancy_reflns_obs            ? 
_refine_ls_shell.wR_factor_all                    ? 
_refine_ls_shell.wR_factor_obs                    ? 
_refine_ls_shell.wR_factor_R_free                 ? 
_refine_ls_shell.wR_factor_R_work                 ? 
_refine_ls_shell.pdbx_total_number_of_bins_used   ? 
_refine_ls_shell.pdbx_phase_error                 ? 
_refine_ls_shell.pdbx_fsc_work                    ? 
_refine_ls_shell.pdbx_fsc_free                    ? 
# 
_struct.entry_id                     5XK0 
_struct.title                        'Structure of 8-mer DNA2' 
_struct.pdbx_model_details           ? 
_struct.pdbx_formula_weight          ? 
_struct.pdbx_formula_weight_method   ? 
_struct.pdbx_model_type_details      ? 
_struct.pdbx_CASP_flag               N 
# 
_struct_keywords.entry_id        5XK0 
_struct_keywords.text            'DNA, duplex' 
_struct_keywords.pdbx_keywords   DNA 
# 
loop_
_struct_asym.id 
_struct_asym.pdbx_blank_PDB_chainid_flag 
_struct_asym.pdbx_modified 
_struct_asym.entity_id 
_struct_asym.details 
A N N 1 ? 
B N N 2 ? 
# 
loop_
_struct_conn.id 
_struct_conn.conn_type_id 
_struct_conn.pdbx_leaving_atom_flag 
_struct_conn.pdbx_PDB_id 
_struct_conn.ptnr1_label_asym_id 
_struct_conn.ptnr1_label_comp_id 
_struct_conn.ptnr1_label_seq_id 
_struct_conn.ptnr1_label_atom_id 
_struct_conn.pdbx_ptnr1_label_alt_id 
_struct_conn.pdbx_ptnr1_PDB_ins_code 
_struct_conn.pdbx_ptnr1_standard_comp_id 
_struct_conn.ptnr1_symmetry 
_struct_conn.ptnr2_label_asym_id 
_struct_conn.ptnr2_label_comp_id 
_struct_conn.ptnr2_label_seq_id 
_struct_conn.ptnr2_label_atom_id 
_struct_conn.pdbx_ptnr2_label_alt_id 
_struct_conn.pdbx_ptnr2_PDB_ins_code 
_struct_conn.ptnr1_auth_asym_id 
_struct_conn.ptnr1_auth_comp_id 
_struct_conn.ptnr1_auth_seq_id 
_struct_conn.ptnr2_auth_asym_id 
_struct_conn.ptnr2_auth_comp_id 
_struct_conn.ptnr2_auth_seq_id 
_struct_conn.ptnr2_symmetry 
_struct_conn.pdbx_ptnr3_label_atom_id 
_struct_conn.pdbx_ptnr3_label_seq_id 
_struct_conn.pdbx_ptnr3_label_comp_id 
_struct_conn.pdbx_ptnr3_label_asym_id 
_struct_conn.pdbx_ptnr3_label_alt_id 
_struct_conn.pdbx_ptnr3_PDB_ins_code 
_struct_conn.details 
_struct_conn.pdbx_dist_value 
_struct_conn.pdbx_value_order 
_struct_conn.pdbx_role 
hydrog1  hydrog ? ? A DG 1 N1 ? ? ? 1_555 A DC 8 N3 ? ? A DG 1 A DC 8 7_555 ? ? ? ? ? ? WATSON-CRICK    ? ? ? 
hydrog2  hydrog ? ? A DG 1 N2 ? ? ? 1_555 A DC 8 O2 ? ? A DG 1 A DC 8 7_555 ? ? ? ? ? ? WATSON-CRICK    ? ? ? 
hydrog3  hydrog ? ? A DG 1 O6 ? ? ? 1_555 A DC 8 N4 ? ? A DG 1 A DC 8 7_555 ? ? ? ? ? ? WATSON-CRICK    ? ? ? 
hydrog4  hydrog ? ? A DC 2 N3 ? ? ? 1_555 A DG 7 N1 ? ? A DC 2 A DG 7 7_555 ? ? ? ? ? ? WATSON-CRICK    ? ? ? 
hydrog5  hydrog ? ? A DC 2 N4 ? ? ? 1_555 A DG 7 O6 ? ? A DC 2 A DG 7 7_555 ? ? ? ? ? ? WATSON-CRICK    ? ? ? 
hydrog6  hydrog ? ? A DC 2 O2 ? ? ? 1_555 A DG 7 N2 ? ? A DC 2 A DG 7 7_555 ? ? ? ? ? ? WATSON-CRICK    ? ? ? 
hydrog7  hydrog ? ? A DC 3 N3 ? ? ? 1_555 A DA 6 N6 ? ? A DC 3 A DA 6 7_555 ? ? ? ? ? ? 'DC-DA MISPAIR' ? ? ? 
hydrog8  hydrog ? ? A DC 4 N3 ? ? ? 1_555 A DG 5 N1 ? ? A DC 4 A DG 5 7_555 ? ? ? ? ? ? WATSON-CRICK    ? ? ? 
hydrog9  hydrog ? ? A DC 4 N4 ? ? ? 1_555 A DG 5 O6 ? ? A DC 4 A DG 5 7_555 ? ? ? ? ? ? WATSON-CRICK    ? ? ? 
hydrog10 hydrog ? ? A DC 4 O2 ? ? ? 1_555 A DG 5 N2 ? ? A DC 4 A DG 5 7_555 ? ? ? ? ? ? WATSON-CRICK    ? ? ? 
hydrog11 hydrog ? ? A DG 5 N1 ? ? ? 1_555 A DC 4 N3 ? ? A DG 5 A DC 4 7_555 ? ? ? ? ? ? WATSON-CRICK    ? ? ? 
hydrog12 hydrog ? ? A DG 5 N2 ? ? ? 1_555 A DC 4 O2 ? ? A DG 5 A DC 4 7_555 ? ? ? ? ? ? WATSON-CRICK    ? ? ? 
hydrog13 hydrog ? ? A DG 5 O6 ? ? ? 1_555 A DC 4 N4 ? ? A DG 5 A DC 4 7_555 ? ? ? ? ? ? WATSON-CRICK    ? ? ? 
hydrog14 hydrog ? ? A DA 6 N6 ? ? ? 1_555 A DC 3 N3 ? ? A DA 6 A DC 3 7_555 ? ? ? ? ? ? 'DA-DC MISPAIR' ? ? ? 
hydrog15 hydrog ? ? A DG 7 N1 ? ? ? 1_555 A DC 2 N3 ? ? A DG 7 A DC 2 7_555 ? ? ? ? ? ? WATSON-CRICK    ? ? ? 
hydrog16 hydrog ? ? A DG 7 N2 ? ? ? 1_555 A DC 2 O2 ? ? A DG 7 A DC 2 7_555 ? ? ? ? ? ? WATSON-CRICK    ? ? ? 
hydrog17 hydrog ? ? A DG 7 O6 ? ? ? 1_555 A DC 2 N4 ? ? A DG 7 A DC 2 7_555 ? ? ? ? ? ? WATSON-CRICK    ? ? ? 
hydrog18 hydrog ? ? A DC 8 N3 ? ? ? 1_555 A DG 1 N1 ? ? A DC 8 A DG 1 7_555 ? ? ? ? ? ? WATSON-CRICK    ? ? ? 
hydrog19 hydrog ? ? A DC 8 N4 ? ? ? 1_555 A DG 1 O6 ? ? A DC 8 A DG 1 7_555 ? ? ? ? ? ? WATSON-CRICK    ? ? ? 
hydrog20 hydrog ? ? A DC 8 O2 ? ? ? 1_555 A DG 1 N2 ? ? A DC 8 A DG 1 7_555 ? ? ? ? ? ? WATSON-CRICK    ? ? ? 
# 
_struct_conn_type.id          hydrog 
_struct_conn_type.criteria    ? 
_struct_conn_type.reference   ? 
# 
_atom_sites.entry_id                    5XK0 
_atom_sites.fract_transf_matrix[1][1]   0.00032550 
_atom_sites.fract_transf_matrix[1][2]   0.01981139 
_atom_sites.fract_transf_matrix[1][3]   -0.01319036 
_atom_sites.fract_transf_matrix[2][1]   -0.01235901 
_atom_sites.fract_transf_matrix[2][2]   -0.01113298 
_atom_sites.fract_transf_matrix[2][3]   -0.01702628 
_atom_sites.fract_transf_matrix[3][1]   -0.03415901 
_atom_sites.fract_transf_matrix[3][2]   0.01189251 
_atom_sites.fract_transf_matrix[3][3]   0.01701913 
_atom_sites.fract_transf_vector[1]      0.225999 
_atom_sites.fract_transf_vector[2]      0.216381 
_atom_sites.fract_transf_vector[3]      0.092103 
# 
loop_
_atom_type.symbol 
C 
N 
O 
P 
# 
loop_
_atom_site.group_PDB 
_atom_site.id 
_atom_site.type_symbol 
_atom_site.label_atom_id 
_atom_site.label_alt_id 
_atom_site.label_comp_id 
_atom_site.label_asym_id 
_atom_site.label_entity_id 
_atom_site.label_seq_id 
_atom_site.pdbx_PDB_ins_code 
_atom_site.Cartn_x 
_atom_site.Cartn_y 
_atom_site.Cartn_z 
_atom_site.occupancy 
_atom_site.B_iso_or_equiv 
_atom_site.pdbx_formal_charge 
_atom_site.auth_seq_id 
_atom_site.auth_comp_id 
_atom_site.auth_asym_id 
_atom_site.auth_atom_id 
_atom_site.pdbx_PDB_model_num 
ATOM   1   O "O5'" . DG  A 1 1 ? 12.276  1.044   6.144   1.00 24.09 ? 1   DG  A "O5'" 1 
ATOM   2   C "C5'" . DG  A 1 1 ? 12.757  1.605   7.368   1.00 24.51 ? 1   DG  A "C5'" 1 
ATOM   3   C "C4'" . DG  A 1 1 ? 12.475  3.099   7.436   1.00 20.95 ? 1   DG  A "C4'" 1 
ATOM   4   O "O4'" . DG  A 1 1 ? 13.147  3.788   6.348   1.00 21.20 ? 1   DG  A "O4'" 1 
ATOM   5   C "C3'" . DG  A 1 1 ? 11.010  3.498   7.300   1.00 22.10 ? 1   DG  A "C3'" 1 
ATOM   6   O "O3'" . DG  A 1 1 ? 10.390  3.458   8.558   1.00 27.57 ? 1   DG  A "O3'" 1 
ATOM   7   C "C2'" . DG  A 1 1 ? 11.123  4.927   6.812   1.00 21.26 ? 1   DG  A "C2'" 1 
ATOM   8   C "C1'" . DG  A 1 1 ? 12.316  4.829   5.867   1.00 20.59 ? 1   DG  A "C1'" 1 
ATOM   9   N N9    . DG  A 1 1 ? 11.971  4.539   4.479   1.00 19.81 ? 1   DG  A N9    1 
ATOM   10  C C8    . DG  A 1 1 ? 12.116  3.339   3.826   1.00 19.85 ? 1   DG  A C8    1 
ATOM   11  N N7    . DG  A 1 1 ? 11.761  3.389   2.569   1.00 20.47 ? 1   DG  A N7    1 
ATOM   12  C C5    . DG  A 1 1 ? 11.374  4.711   2.377   1.00 18.88 ? 1   DG  A C5    1 
ATOM   13  C C6    . DG  A 1 1 ? 10.893  5.370   1.219   1.00 20.36 ? 1   DG  A C6    1 
ATOM   14  O O6    . DG  A 1 1 ? 10.720  4.907   0.082   1.00 20.42 ? 1   DG  A O6    1 
ATOM   15  N N1    . DG  A 1 1 ? 10.612  6.709   1.466   1.00 19.97 ? 1   DG  A N1    1 
ATOM   16  C C2    . DG  A 1 1 ? 10.780  7.338   2.680   1.00 21.40 ? 1   DG  A C2    1 
ATOM   17  N N2    . DG  A 1 1 ? 10.460  8.638   2.730   1.00 23.93 ? 1   DG  A N2    1 
ATOM   18  N N3    . DG  A 1 1 ? 11.228  6.736   3.772   1.00 19.97 ? 1   DG  A N3    1 
ATOM   19  C C4    . DG  A 1 1 ? 11.501  5.428   3.549   1.00 19.03 ? 1   DG  A C4    1 
ATOM   20  P P     . DC  A 1 2 ? 8.845   3.041   8.677   1.00 28.54 ? 2   DC  A P     1 
ATOM   21  O OP1   . DC  A 1 2 ? 8.508   3.012   10.115  1.00 34.22 ? 2   DC  A OP1   1 
ATOM   22  O OP2   . DC  A 1 2 ? 8.630   1.868   7.819   1.00 28.59 ? 2   DC  A OP2   1 
ATOM   23  O "O5'" . DC  A 1 2 ? 8.032   4.186   7.909   1.00 29.80 ? 2   DC  A "O5'" 1 
ATOM   24  C "C5'" . DC  A 1 2 ? 7.674   5.388   8.560   1.00 31.50 ? 2   DC  A "C5'" 1 
ATOM   25  C "C4'" . DC  A 1 2 ? 7.315   6.455   7.536   1.00 28.47 ? 2   DC  A "C4'" 1 
ATOM   26  O "O4'" . DC  A 1 2 ? 8.244   6.373   6.431   1.00 27.00 ? 2   DC  A "O4'" 1 
ATOM   27  C "C3'" . DC  A 1 2 ? 5.952   6.315   6.869   1.00 26.70 ? 2   DC  A "C3'" 1 
ATOM   28  O "O3'" . DC  A 1 2 ? 4.944   6.886   7.674   1.00 28.01 ? 2   DC  A "O3'" 1 
ATOM   29  C "C2'" . DC  A 1 2 ? 6.158   7.152   5.622   1.00 25.71 ? 2   DC  A "C2'" 1 
ATOM   30  C "C1'" . DC  A 1 2 ? 7.602   6.829   5.256   1.00 25.14 ? 2   DC  A "C1'" 1 
ATOM   31  N N1    . DC  A 1 2 ? 7.722   5.802   4.192   1.00 24.24 ? 2   DC  A N1    1 
ATOM   32  C C2    . DC  A 1 2 ? 7.496   6.196   2.873   1.00 22.70 ? 2   DC  A C2    1 
ATOM   33  O O2    . DC  A 1 2 ? 7.208   7.371   2.658   1.00 24.17 ? 2   DC  A O2    1 
ATOM   34  N N3    . DC  A 1 2 ? 7.617   5.287   1.875   1.00 20.50 ? 2   DC  A N3    1 
ATOM   35  C C4    . DC  A 1 2 ? 7.930   4.025   2.159   1.00 20.03 ? 2   DC  A C4    1 
ATOM   36  N N4    . DC  A 1 2 ? 8.031   3.161   1.134   1.00 21.09 ? 2   DC  A N4    1 
ATOM   37  C C5    . DC  A 1 2 ? 8.161   3.592   3.512   1.00 22.20 ? 2   DC  A C5    1 
ATOM   38  C C6    . DC  A 1 2 ? 8.041   4.507   4.489   1.00 24.42 ? 2   DC  A C6    1 
ATOM   39  P P     . DC  A 1 3 ? 3.418   6.397   7.527   1.00 30.68 ? 3   DC  A P     1 
ATOM   40  O OP1   . DC  A 1 3 ? 2.653   7.118   8.565   1.00 35.85 ? 3   DC  A OP1   1 
ATOM   41  O OP2   . DC  A 1 3 ? 3.430   4.927   7.498   1.00 31.90 ? 3   DC  A OP2   1 
ATOM   42  O "O5'" . DC  A 1 3 ? 2.954   6.886   6.068   1.00 27.91 ? 3   DC  A "O5'" 1 
ATOM   43  C "C5'" . DC  A 1 3 ? 2.772   8.260   5.785   1.00 29.26 ? 3   DC  A "C5'" 1 
ATOM   44  C "C4'" . DC  A 1 3 ? 2.525   8.453   4.303   1.00 25.79 ? 3   DC  A "C4'" 1 
ATOM   45  O "O4'" . DC  A 1 3 ? 3.663   7.954   3.574   1.00 26.80 ? 3   DC  A "O4'" 1 
ATOM   46  C "C3'" . DC  A 1 3 ? 1.343   7.674   3.747   1.00 27.23 ? 3   DC  A "C3'" 1 
ATOM   47  O "O3'" . DC  A 1 3 ? 0.159   8.421   3.904   1.00 30.88 ? 3   DC  A "O3'" 1 
ATOM   48  C "C2'" . DC  A 1 3 ? 1.714   7.536   2.283   1.00 23.91 ? 3   DC  A "C2'" 1 
ATOM   49  C "C1'" . DC  A 1 3 ? 3.224   7.354   2.365   1.00 22.12 ? 3   DC  A "C1'" 1 
ATOM   50  N N1    . DC  A 1 3 ? 3.673   5.938   2.337   1.00 21.94 ? 3   DC  A N1    1 
ATOM   51  C C2    . DC  A 1 3 ? 3.841   5.326   1.105   1.00 20.04 ? 3   DC  A C2    1 
ATOM   52  O O2    . DC  A 1 3 ? 3.582   5.978   0.096   1.00 22.32 ? 3   DC  A O2    1 
ATOM   53  N N3    . DC  A 1 3 ? 4.293   4.048   1.052   1.00 20.66 ? 3   DC  A N3    1 
ATOM   54  C C4    . DC  A 1 3 ? 4.557   3.392   2.178   1.00 22.50 ? 3   DC  A C4    1 
ATOM   55  N N4    . DC  A 1 3 ? 4.994   2.131   2.080   1.00 23.93 ? 3   DC  A N4    1 
ATOM   56  C C5    . DC  A 1 3 ? 4.391   4.002   3.458   1.00 21.84 ? 3   DC  A C5    1 
ATOM   57  C C6    . DC  A 1 3 ? 3.956   5.268   3.493   1.00 22.97 ? 3   DC  A C6    1 
ATOM   58  P P     . DC  A 1 4 ? -1.262  7.677   3.934   1.00 31.16 ? 4   DC  A P     1 
ATOM   59  O OP1   . DC  A 1 4 ? -2.261  8.682   4.366   1.00 36.72 ? 4   DC  A OP1   1 
ATOM   60  O OP2   . DC  A 1 4 ? -1.157  6.363   4.607   1.00 31.06 ? 4   DC  A OP2   1 
ATOM   61  O "O5'" . DC  A 1 4 ? -1.528  7.278   2.414   1.00 27.38 ? 4   DC  A "O5'" 1 
ATOM   62  C "C5'" . DC  A 1 4 ? -1.793  8.291   1.470   1.00 29.26 ? 4   DC  A "C5'" 1 
ATOM   63  C "C4'" . DC  A 1 4 ? -1.912  7.687   0.095   1.00 24.42 ? 4   DC  A "C4'" 1 
ATOM   64  O "O4'" . DC  A 1 4 ? -0.628  7.172   -0.313  1.00 23.40 ? 4   DC  A "O4'" 1 
ATOM   65  C "C3'" . DC  A 1 4 ? -2.836  6.491   0.007   1.00 23.18 ? 4   DC  A "C3'" 1 
ATOM   66  O "O3'" . DC  A 1 4 ? -4.196  6.935   -0.079  1.00 25.92 ? 4   DC  A "O3'" 1 
ATOM   67  C "C2'" . DC  A 1 4 ? -2.345  5.839   -1.278  1.00 22.60 ? 4   DC  A "C2'" 1 
ATOM   68  C "C1'" . DC  A 1 4 ? -0.833  6.063   -1.171  1.00 22.08 ? 4   DC  A "C1'" 1 
ATOM   69  N N1    . DC  A 1 4 ? -0.072  4.869   -0.652  1.00 20.32 ? 4   DC  A N1    1 
ATOM   70  C C2    . DC  A 1 4 ? 0.407   3.944   -1.565  1.00 19.39 ? 4   DC  A C2    1 
ATOM   71  O O2    . DC  A 1 4 ? 0.192   4.137   -2.767  1.00 20.54 ? 4   DC  A O2    1 
ATOM   72  N N3    . DC  A 1 4 ? 1.095   2.859   -1.113  1.00 17.58 ? 4   DC  A N3    1 
ATOM   73  C C4    . DC  A 1 4 ? 1.274   2.677   0.188   1.00 18.43 ? 4   DC  A C4    1 
ATOM   74  N N4    . DC  A 1 4 ? 1.957   1.593   0.576   1.00 20.40 ? 4   DC  A N4    1 
ATOM   75  C C5    . DC  A 1 4 ? 0.775   3.609   1.152   1.00 22.01 ? 4   DC  A C5    1 
ATOM   76  C C6    . DC  A 1 4 ? 0.118   4.685   0.690   1.00 20.90 ? 4   DC  A C6    1 
ATOM   77  P P     . DG  A 1 5 ? -5.408  5.884   -0.032  1.00 27.49 ? 5   DG  A P     1 
ATOM   78  O OP1   . DG  A 1 5 ? -6.650  6.681   -0.076  1.00 30.00 ? 5   DG  A OP1   1 
ATOM   79  O OP2   . DG  A 1 5 ? -5.202  4.923   1.073   1.00 29.03 ? 5   DG  A OP2   1 
ATOM   80  O "O5'" . DG  A 1 5 ? -5.245  5.110   -1.413  1.00 23.93 ? 5   DG  A "O5'" 1 
ATOM   81  C "C5'" . DG  A 1 5 ? -5.501  3.730   -1.511  1.00 23.44 ? 5   DG  A "C5'" 1 
ATOM   82  C "C4'" . DG  A 1 5 ? -5.062  3.250   -2.867  1.00 21.40 ? 5   DG  A "C4'" 1 
ATOM   83  O "O4'" . DG  A 1 5 ? -3.616  3.369   -2.956  1.00 20.09 ? 5   DG  A "O4'" 1 
ATOM   84  C "C3'" . DG  A 1 5 ? -5.343  1.797   -3.162  1.00 21.05 ? 5   DG  A "C3'" 1 
ATOM   85  O "O3'" . DG  A 1 5 ? -6.671  1.637   -3.662  1.00 23.50 ? 5   DG  A "O3'" 1 
ATOM   86  C "C2'" . DG  A 1 5 ? -4.298  1.506   -4.224  1.00 20.39 ? 5   DG  A "C2'" 1 
ATOM   87  C "C1'" . DG  A 1 5 ? -3.098  2.248   -3.645  1.00 19.30 ? 5   DG  A "C1'" 1 
ATOM   88  N N9    . DG  A 1 5 ? -2.317  1.438   -2.705  1.00 17.79 ? 5   DG  A N9    1 
ATOM   89  C C8    . DG  A 1 5 ? -2.200  1.609   -1.346  1.00 17.89 ? 5   DG  A C8    1 
ATOM   90  N N7    . DG  A 1 5 ? -1.425  0.719   -0.775  1.00 18.26 ? 5   DG  A N7    1 
ATOM   91  C C5    . DG  A 1 5 ? -1.013  -0.090  -1.832  1.00 16.36 ? 5   DG  A C5    1 
ATOM   92  C C6    . DG  A 1 5 ? -0.166  -1.220  -1.841  1.00 17.99 ? 5   DG  A C6    1 
ATOM   93  O O6    . DG  A 1 5 ? 0.410   -1.751  -0.880  1.00 20.71 ? 5   DG  A O6    1 
ATOM   94  N N1    . DG  A 1 5 ? -0.013  -1.740  -3.130  1.00 15.92 ? 5   DG  A N1    1 
ATOM   95  C C2    . DG  A 1 5 ? -0.606  -1.238  -4.259  1.00 17.18 ? 5   DG  A C2    1 
ATOM   96  N N2    . DG  A 1 5 ? -0.336  -1.879  -5.417  1.00 19.65 ? 5   DG  A N2    1 
ATOM   97  N N3    . DG  A 1 5 ? -1.404  -0.176  -4.263  1.00 17.58 ? 5   DG  A N3    1 
ATOM   98  C C4    . DG  A 1 5 ? -1.560  0.339   -3.021  1.00 16.84 ? 5   DG  A C4    1 
ATOM   99  P P     . DA  A 1 6 ? -7.422  0.231   -3.461  1.00 24.66 ? 6   DA  A P     1 
ATOM   100 O OP1   . DA  A 1 6 ? -8.836  0.442   -3.827  1.00 28.97 ? 6   DA  A OP1   1 
ATOM   101 O OP2   . DA  A 1 6 ? -7.082  -0.296  -2.123  1.00 29.86 ? 6   DA  A OP2   1 
ATOM   102 O "O5'" . DA  A 1 6 ? -6.733  -0.753  -4.505  1.00 21.77 ? 6   DA  A "O5'" 1 
ATOM   103 C "C5'" . DA  A 1 6 ? -6.889  -0.527  -5.894  1.00 22.52 ? 6   DA  A "C5'" 1 
ATOM   104 C "C4'" . DA  A 1 6 ? -6.085  -1.535  -6.688  1.00 21.93 ? 6   DA  A "C4'" 1 
ATOM   105 O "O4'" . DA  A 1 6 ? -4.684  -1.403  -6.351  1.00 21.00 ? 6   DA  A "O4'" 1 
ATOM   106 C "C3'" . DA  A 1 6 ? -6.391  -2.984  -6.374  1.00 22.16 ? 6   DA  A "C3'" 1 
ATOM   107 O "O3'" . DA  A 1 6 ? -7.541  -3.405  -7.082  1.00 24.42 ? 6   DA  A "O3'" 1 
ATOM   108 C "C2'" . DA  A 1 6 ? -5.129  -3.654  -6.890  1.00 21.06 ? 6   DA  A "C2'" 1 
ATOM   109 C "C1'" . DA  A 1 6 ? -4.079  -2.685  -6.372  1.00 22.56 ? 6   DA  A "C1'" 1 
ATOM   110 N N9    . DA  A 1 6 ? -3.612  -2.985  -5.028  1.00 19.37 ? 6   DA  A N9    1 
ATOM   111 C C8    . DA  A 1 6 ? -3.867  -2.281  -3.889  1.00 18.88 ? 6   DA  A C8    1 
ATOM   112 N N7    . DA  A 1 6 ? -3.283  -2.772  -2.821  1.00 19.50 ? 6   DA  A N7    1 
ATOM   113 C C5    . DA  A 1 6 ? -2.580  -3.861  -3.305  1.00 19.08 ? 6   DA  A C5    1 
ATOM   114 C C6    . DA  A 1 6 ? -1.761  -4.811  -2.679  1.00 19.04 ? 6   DA  A C6    1 
ATOM   115 N N6    . DA  A 1 6 ? -1.479  -4.799  -1.377  1.00 19.70 ? 6   DA  A N6    1 
ATOM   116 N N1    . DA  A 1 6 ? -1.233  -5.779  -3.460  1.00 17.50 ? 6   DA  A N1    1 
ATOM   117 C C2    . DA  A 1 6 ? -1.524  -5.794  -4.762  1.00 17.43 ? 6   DA  A C2    1 
ATOM   118 N N3    . DA  A 1 6 ? -2.282  -4.959  -5.458  1.00 20.23 ? 6   DA  A N3    1 
ATOM   119 C C4    . DA  A 1 6 ? -2.781  -4.007  -4.663  1.00 19.08 ? 6   DA  A C4    1 
ATOM   120 P P     . DG  A 1 7 ? -8.531  -4.490  -6.438  1.00 23.42 ? 7   DG  A P     1 
ATOM   121 O OP1   . DG  A 1 7 ? -9.644  -4.642  -7.399  1.00 26.99 ? 7   DG  A OP1   1 
ATOM   122 O OP2   . DG  A 1 7 ? -8.812  -4.179  -5.019  1.00 26.04 ? 7   DG  A OP2   1 
ATOM   123 O "O5'" . DG  A 1 7 ? -7.660  -5.826  -6.432  1.00 22.93 ? 7   DG  A "O5'" 1 
ATOM   124 C "C5'" . DG  A 1 7 ? -7.210  -6.386  -7.655  1.00 23.66 ? 7   DG  A "C5'" 1 
ATOM   125 C "C4'" . DG  A 1 7 ? -6.260  -7.532  -7.379  1.00 21.92 ? 7   DG  A "C4'" 1 
ATOM   126 O "O4'" . DG  A 1 7 ? -5.111  -7.032  -6.668  1.00 21.66 ? 7   DG  A "O4'" 1 
ATOM   127 C "C3'" . DG  A 1 7 ? -6.831  -8.626  -6.495  1.00 20.30 ? 7   DG  A "C3'" 1 
ATOM   128 O "O3'" . DG  A 1 7 ? -7.470  -9.568  -7.303  1.00 23.14 ? 7   DG  A "O3'" 1 
ATOM   129 C "C2'" . DG  A 1 7 ? -5.583  -9.215  -5.850  1.00 22.99 ? 7   DG  A "C2'" 1 
ATOM   130 C "C1'" . DG  A 1 7 ? -4.696  -7.984  -5.706  1.00 20.87 ? 7   DG  A "C1'" 1 
ATOM   131 N N9    . DG  A 1 7 ? -4.726  -7.361  -4.391  1.00 19.23 ? 7   DG  A N9    1 
ATOM   132 C C8    . DG  A 1 7 ? -5.362  -6.198  -4.026  1.00 20.45 ? 7   DG  A C8    1 
ATOM   133 N N7    . DG  A 1 7 ? -5.171  -5.877  -2.771  1.00 21.15 ? 7   DG  A N7    1 
ATOM   134 C C5    . DG  A 1 7 ? -4.349  -6.891  -2.281  1.00 18.42 ? 7   DG  A C5    1 
ATOM   135 C C6    . DG  A 1 7 ? -3.798  -7.085  -0.989  1.00 20.17 ? 7   DG  A C6    1 
ATOM   136 O O6    . DG  A 1 7 ? -3.922  -6.369  0.019   1.00 20.51 ? 7   DG  A O6    1 
ATOM   137 N N1    . DG  A 1 7 ? -3.025  -8.247  -0.927  1.00 21.81 ? 7   DG  A N1    1 
ATOM   138 C C2    . DG  A 1 7 ? -2.808  -9.104  -1.982  1.00 23.25 ? 7   DG  A C2    1 
ATOM   139 N N2    . DG  A 1 7 ? -2.045  -10.184 -1.733  1.00 23.03 ? 7   DG  A N2    1 
ATOM   140 N N3    . DG  A 1 7 ? -3.310  -8.927  -3.192  1.00 21.24 ? 7   DG  A N3    1 
ATOM   141 C C4    . DG  A 1 7 ? -4.069  -7.807  -3.265  1.00 18.36 ? 7   DG  A C4    1 
ATOM   142 P P     . DC  A 1 8 ? -8.639  -10.481 -6.723  1.00 25.54 ? 8   DC  A P     1 
ATOM   143 O OP1   . DC  A 1 8 ? -9.189  -11.248 -7.864  1.00 25.82 ? 8   DC  A OP1   1 
ATOM   144 O OP2   . DC  A 1 8 ? -9.546  -9.616  -5.935  1.00 32.80 ? 8   DC  A OP2   1 
ATOM   145 O "O5'" . DC  A 1 8 ? -7.914  -11.469 -5.693  1.00 28.62 ? 8   DC  A "O5'" 1 
ATOM   146 C "C5'" . DC  A 1 8 ? -7.042  -12.487 -6.176  1.00 29.06 ? 8   DC  A "C5'" 1 
ATOM   147 C "C4'" . DC  A 1 8 ? -6.495  -13.340 -5.037  1.00 26.53 ? 8   DC  A "C4'" 1 
ATOM   148 O "O4'" . DC  A 1 8 ? -5.801  -12.487 -4.094  1.00 26.46 ? 8   DC  A "O4'" 1 
ATOM   149 C "C3'" . DC  A 1 8 ? -7.540  -14.125 -4.242  1.00 38.59 ? 8   DC  A "C3'" 1 
ATOM   150 O "O3'" . DC  A 1 8 ? -7.124  -15.474 -4.074  1.00 41.26 ? 8   DC  A "O3'" 1 
ATOM   151 C "C2'" . DC  A 1 8 ? -7.608  -13.400 -2.904  1.00 34.41 ? 8   DC  A "C2'" 1 
ATOM   152 C "C1'" . DC  A 1 8 ? -6.223  -12.782 -2.782  1.00 30.75 ? 8   DC  A "C1'" 1 
ATOM   153 N N1    . DC  A 1 8 ? -6.255  -11.519 -2.009  1.00 26.37 ? 8   DC  A N1    1 
ATOM   154 C C2    . DC  A 1 8 ? -5.594  -11.434 -0.776  1.00 25.30 ? 8   DC  A C2    1 
ATOM   155 O O2    . DC  A 1 8 ? -4.951  -12.406 -0.364  1.00 27.20 ? 8   DC  A O2    1 
ATOM   156 N N3    . DC  A 1 8 ? -5.667  -10.281 -0.079  1.00 22.68 ? 8   DC  A N3    1 
ATOM   157 C C4    . DC  A 1 8 ? -6.375  -9.250  -0.559  1.00 22.67 ? 8   DC  A C4    1 
ATOM   158 N N4    . DC  A 1 8 ? -6.422  -8.128  0.169   1.00 21.53 ? 8   DC  A N4    1 
ATOM   159 C C5    . DC  A 1 8 ? -7.062  -9.324  -1.809  1.00 21.15 ? 8   DC  A C5    1 
ATOM   160 C C6    . DC  A 1 8 ? -6.985  -10.470 -2.484  1.00 24.29 ? 8   DC  A C6    1 
HETATM 161 O O     . HOH B 2 . ? -0.017  4.301   4.147   1.00 36.92 ? 101 HOH A O     1 
HETATM 162 O O     . HOH B 2 . ? 9.791   0.091   6.635   1.00 38.08 ? 102 HOH A O     1 
HETATM 163 O O     . HOH B 2 . ? -10.253 -8.462  -3.715  1.00 33.58 ? 103 HOH A O     1 
HETATM 164 O O     . HOH B 2 . ? 11.611  1.189   1.163   1.00 26.79 ? 104 HOH A O     1 
HETATM 165 O O     . HOH B 2 . ? -3.358  3.019   1.290   1.00 29.55 ? 105 HOH A O     1 
HETATM 166 O O     . HOH B 2 . ? 10.838  2.518   -1.123  1.00 28.32 ? 106 HOH A O     1 
HETATM 167 O O     . HOH B 2 . ? 7.197   9.846   3.721   1.00 31.58 ? 107 HOH A O     1 
HETATM 168 O O     . HOH B 2 . ? -4.398  -1.298  -0.818  1.00 31.77 ? 108 HOH A O     1 
HETATM 169 O O     . HOH B 2 . ? -5.131  -4.058  0.813   1.00 36.42 ? 109 HOH A O     1 
HETATM 170 O O     . HOH B 2 . ? 6.975   4.383   11.912  1.00 38.20 ? 110 HOH A O     1 
HETATM 171 O O     . HOH B 2 . ? 1.697   3.446   5.949   1.00 41.19 ? 111 HOH A O     1 
HETATM 172 O O     . HOH B 2 . ? -9.125  -6.198  -3.149  1.00 31.67 ? 112 HOH A O     1 
HETATM 173 O O     . HOH B 2 . ? -8.400  6.056   -2.174  1.00 37.46 ? 113 HOH A O     1 
HETATM 174 O O     . HOH B 2 . ? -1.103  0.175   1.956   1.00 30.23 ? 114 HOH A O     1 
HETATM 175 O O     . HOH B 2 . ? -1.930  0.611   -6.909  1.00 21.85 ? 115 HOH A O     1 
HETATM 176 O O     . HOH B 2 . ? 8.866   0.529   1.744   1.00 34.51 ? 116 HOH A O     1 
HETATM 177 O O     . HOH B 2 . ? 10.338  1.444   11.698  1.00 34.32 ? 117 HOH A O     1 
HETATM 178 O O     . HOH B 2 . ? -8.231  -5.996  -0.609  1.00 28.44 ? 118 HOH A O     1 
HETATM 179 O O     . HOH B 2 . ? -1.080  -3.350  1.107   1.00 29.97 ? 119 HOH A O     1 
HETATM 180 O O     . HOH B 2 . ? -6.382  -3.821  -1.093  1.00 34.54 ? 120 HOH A O     1 
HETATM 181 O O     . HOH B 2 . ? -3.162  -11.439 -4.793  1.00 30.79 ? 121 HOH A O     1 
HETATM 182 O O     . HOH B 2 . ? 1.779   0.986   3.448   1.00 32.94 ? 122 HOH A O     1 
HETATM 183 O O     . HOH B 2 . ? 5.495   0.613   4.585   1.00 34.67 ? 123 HOH A O     1 
HETATM 184 O O     . HOH B 2 . ? 5.785   2.075   6.852   1.00 44.45 ? 124 HOH A O     1 
HETATM 185 O O     . HOH B 2 . ? -11.142 -7.336  -7.108  1.00 42.94 ? 125 HOH A O     1 
HETATM 186 O O     . HOH B 2 . ? -0.558  -12.009 -3.850  1.00 35.41 ? 126 HOH A O     1 
HETATM 187 O O     . HOH B 2 . ? -4.092  0.999   -8.554  1.00 24.50 ? 127 HOH A O     1 
HETATM 188 O O     . HOH B 2 . ? -4.559  -1.532  -9.667  1.00 27.50 ? 128 HOH A O     1 
HETATM 189 O O     . HOH B 2 . ? -8.922  -8.991  -10.365 1.00 41.36 ? 129 HOH A O     1 
HETATM 190 O O     . HOH B 2 . ? 4.875   10.171  8.562   1.00 36.45 ? 130 HOH A O     1 
HETATM 191 O O     . HOH B 2 . ? -4.654  0.656   1.018   1.00 36.52 ? 131 HOH A O     1 
HETATM 192 O O     . HOH B 2 . ? 5.157   10.964  5.392   1.00 39.39 ? 132 HOH A O     1 
HETATM 193 O O     . HOH B 2 . ? -1.802  2.666   3.493   1.00 38.77 ? 133 HOH A O     1 
HETATM 194 O O     . HOH B 2 . ? 10.415  -1.622  8.565   1.00 44.02 ? 134 HOH A O     1 
HETATM 195 O O     . HOH B 2 . ? 12.741  -1.404  9.526   1.00 34.69 ? 135 HOH A O     1 
HETATM 196 O O     . HOH B 2 . ? -9.594  3.789   -1.295  1.00 43.52 ? 136 HOH A O     1 
# 
loop_
_atom_site_anisotrop.id 
_atom_site_anisotrop.type_symbol 
_atom_site_anisotrop.pdbx_label_atom_id 
_atom_site_anisotrop.pdbx_label_alt_id 
_atom_site_anisotrop.pdbx_label_comp_id 
_atom_site_anisotrop.pdbx_label_asym_id 
_atom_site_anisotrop.pdbx_label_seq_id 
_atom_site_anisotrop.pdbx_PDB_ins_code 
_atom_site_anisotrop.U[1][1] 
_atom_site_anisotrop.U[2][2] 
_atom_site_anisotrop.U[3][3] 
_atom_site_anisotrop.U[1][2] 
_atom_site_anisotrop.U[1][3] 
_atom_site_anisotrop.U[2][3] 
_atom_site_anisotrop.pdbx_auth_seq_id 
_atom_site_anisotrop.pdbx_auth_comp_id 
_atom_site_anisotrop.pdbx_auth_asym_id 
_atom_site_anisotrop.pdbx_auth_atom_id 
1   O "O5'" . DG  A 1 ? 0.3385 0.3068 0.2701 -0.0208 -0.0339 0.0289  1   DG  A "O5'" 
2   C "C5'" . DG  A 1 ? 0.3477 0.3170 0.2666 -0.0260 -0.0437 0.0273  1   DG  A "C5'" 
3   C "C4'" . DG  A 1 ? 0.2974 0.2781 0.2206 -0.0228 -0.0356 0.0123  1   DG  A "C4'" 
4   O "O4'" . DG  A 1 ? 0.2912 0.2703 0.2441 -0.0130 -0.0332 0.0100  1   DG  A "O4'" 
5   C "C3'" . DG  A 1 ? 0.3103 0.3028 0.2264 -0.0246 -0.0216 0.0023  1   DG  A "C3'" 
6   O "O3'" . DG  A 1 ? 0.3851 0.3882 0.2742 -0.0368 -0.0200 -0.0044 1   DG  A "O3'" 
7   C "C2'" . DG  A 1 ? 0.2900 0.2863 0.2317 -0.0162 -0.0193 -0.0093 1   DG  A "C2'" 
8   C "C1'" . DG  A 1 ? 0.2786 0.2645 0.2394 -0.0100 -0.0242 0.0009  1   DG  A "C1'" 
9   N N9    . DG  A 1 ? 0.2660 0.2502 0.2364 -0.0070 -0.0169 0.0068  1   DG  A N9    
10  C C8    . DG  A 1 ? 0.2685 0.2490 0.2368 -0.0075 -0.0145 0.0145  1   DG  A C8    
11  N N7    . DG  A 1 ? 0.2737 0.2559 0.2483 -0.0067 -0.0074 0.0162  1   DG  A N7    
12  C C5    . DG  A 1 ? 0.2501 0.2345 0.2326 -0.0058 -0.0080 0.0130  1   DG  A C5    
13  C C6    . DG  A 1 ? 0.2665 0.2509 0.2563 -0.0072 -0.0066 0.0168  1   DG  A C6    
14  O O6    . DG  A 1 ? 0.2685 0.2538 0.2536 -0.0108 -0.0023 0.0227  1   DG  A O6    
15  N N1    . DG  A 1 ? 0.2570 0.2400 0.2617 -0.0054 -0.0135 0.0129  1   DG  A N1    
16  C C2    . DG  A 1 ? 0.2721 0.2568 0.2840 -0.0023 -0.0178 0.0019  1   DG  A C2    
17  N N2    . DG  A 1 ? 0.2972 0.2802 0.3319 0.0000  -0.0253 -0.0043 1   DG  A N2    
18  N N3    . DG  A 1 ? 0.2577 0.2451 0.2562 -0.0028 -0.0171 -0.0028 1   DG  A N3    
19  C C4    . DG  A 1 ? 0.2512 0.2368 0.2352 -0.0047 -0.0134 0.0053  1   DG  A C4    
20  P P     . DC  A 2 ? 0.3977 0.4140 0.2727 -0.0451 -0.0061 -0.0101 2   DC  A P     
21  O OP1   . DC  A 2 ? 0.4756 0.5064 0.3183 -0.0627 -0.0042 -0.0177 2   DC  A OP1   
22  O OP2   . DC  A 2 ? 0.4016 0.4066 0.2782 -0.0434 -0.0061 0.0057  2   DC  A OP2   
23  O "O5'" . DC  A 2 ? 0.3998 0.4261 0.3063 -0.0343 0.0037  -0.0278 2   DC  A "O5'" 
24  C "C5'" . DC  A 2 ? 0.4122 0.4542 0.3305 -0.0344 0.0077  -0.0514 2   DC  A "C5'" 
25  C "C4'" . DC  A 2 ? 0.3607 0.4006 0.3206 -0.0208 0.0069  -0.0598 2   DC  A "C4'" 
26  O "O4'" . DC  A 2 ? 0.3455 0.3660 0.3143 -0.0129 -0.0018 -0.0401 2   DC  A "O4'" 
27  C "C3'" . DC  A 2 ? 0.3306 0.3777 0.3062 -0.0187 0.0145  -0.0648 2   DC  A "C3'" 
28  O "O3'" . DC  A 2 ? 0.3348 0.4055 0.3240 -0.0228 0.0236  -0.0925 2   DC  A "O3'" 
29  C "C2'" . DC  A 2 ? 0.3117 0.3450 0.3202 -0.0069 0.0043  -0.0581 2   DC  A "C2'" 
30  C "C1'" . DC  A 2 ? 0.3148 0.3316 0.3087 -0.0061 -0.0025 -0.0383 2   DC  A "C1'" 
31  N N1    . DC  A 2 ? 0.3106 0.3176 0.2927 -0.0064 -0.0013 -0.0193 2   DC  A N1    
32  C C2    . DC  A 2 ? 0.2879 0.2883 0.2862 -0.0029 -0.0053 -0.0113 2   DC  A C2    
33  O O2    . DC  A 2 ? 0.2984 0.2978 0.3224 0.0006  -0.0126 -0.0170 2   DC  A O2    
34  N N3    . DC  A 2 ? 0.2658 0.2608 0.2522 -0.0050 -0.0029 0.0019  2   DC  A N3    
35  C C4    . DC  A 2 ? 0.2664 0.2608 0.2337 -0.0079 0.0021  0.0061  2   DC  A C4    
36  N N4    . DC  A 2 ? 0.2828 0.2738 0.2448 -0.0094 0.0048  0.0143  2   DC  A N4    
37  C C5    . DC  A 2 ? 0.2976 0.2949 0.2512 -0.0111 0.0028  0.0021  2   DC  A C5    
38  C C6    . DC  A 2 ? 0.3219 0.3266 0.2793 -0.0115 0.0016  -0.0101 2   DC  A C6    
39  P P     . DC  A 3 ? 0.3601 0.4478 0.3578 -0.0271 0.0358  -0.1027 3   DC  A P     
40  O OP1   . DC  A 3 ? 0.4100 0.5271 0.4250 -0.0330 0.0471  -0.1382 3   DC  A OP1   
41  O OP2   . DC  A 3 ? 0.3906 0.4721 0.3494 -0.0370 0.0401  -0.0809 3   DC  A OP2   
42  O "O5'" . DC  A 3 ? 0.3162 0.3906 0.3536 -0.0130 0.0253  -0.0960 3   DC  A "O5'" 
43  C "C5'" . DC  A 3 ? 0.3175 0.3913 0.4028 -0.0025 0.0149  -0.1111 3   DC  A "C5'" 
44  C "C4'" . DC  A 3 ? 0.2726 0.3275 0.3798 0.0055  0.0003  -0.0925 3   DC  A "C4'" 
45  O "O4'" . DC  A 3 ? 0.3027 0.3370 0.3788 0.0044  -0.0049 -0.0636 3   DC  A "O4'" 
46  C "C3'" . DC  A 3 ? 0.2878 0.3492 0.3977 0.0037  0.0047  -0.0904 3   DC  A "C3'" 
47  O "O3'" . DC  A 3 ? 0.3119 0.3892 0.4722 0.0084  0.0027  -0.1163 3   DC  A "O3'" 
48  C "C2'" . DC  A 3 ? 0.2558 0.2936 0.3591 0.0065  -0.0095 -0.0618 3   DC  A "C2'" 
49  C "C1'" . DC  A 3 ? 0.2481 0.2733 0.3192 0.0041  -0.0088 -0.0461 3   DC  A "C1'" 
50  N N1    . DC  A 3 ? 0.2604 0.2832 0.2900 -0.0021 0.0014  -0.0322 3   DC  A N1    
51  C C2    . DC  A 3 ? 0.2441 0.2558 0.2615 -0.0034 -0.0022 -0.0139 3   DC  A C2    
52  O O2    . DC  A 3 ? 0.2700 0.2743 0.3038 -0.0018 -0.0138 -0.0069 3   DC  A O2    
53  N N3    . DC  A 3 ? 0.2621 0.2712 0.2515 -0.0078 0.0054  -0.0049 3   DC  A N3    
54  C C4    . DC  A 3 ? 0.2896 0.3035 0.2620 -0.0116 0.0128  -0.0087 3   DC  A C4    
55  N N4    . DC  A 3 ? 0.3161 0.3241 0.2690 -0.0154 0.0155  0.0015  3   DC  A N4    
56  C C5    . DC  A 3 ? 0.2762 0.3014 0.2522 -0.0133 0.0161  -0.0238 3   DC  A C5    
57  C C6    . DC  A 3 ? 0.2787 0.3099 0.2843 -0.0081 0.0120  -0.0377 3   DC  A C6    
58  P P     . DC  A 4 ? 0.3051 0.4030 0.4761 0.0041  0.0141  -0.1289 4   DC  A P     
59  O OP1   . DC  A 4 ? 0.3472 0.4666 0.5814 0.0099  0.0128  -0.1646 4   DC  A OP1   
60  O OP2   . DC  A 4 ? 0.3177 0.4255 0.4371 -0.0092 0.0338  -0.1229 4   DC  A OP2   
61  O "O5'" . DC  A 4 ? 0.2643 0.3409 0.4351 0.0078  -0.0018 -0.1016 4   DC  A "O5'" 
62  C "C5'" . DC  A 4 ? 0.2787 0.3408 0.4924 0.0165  -0.0263 -0.0967 4   DC  A "C5'" 
63  C "C4'" . DC  A 4 ? 0.2299 0.2740 0.4241 0.0141  -0.0384 -0.0682 4   DC  A "C4'" 
64  O "O4'" . DC  A 4 ? 0.2393 0.2673 0.3823 0.0088  -0.0354 -0.0434 4   DC  A "O4'" 
65  C "C3'" . DC  A 4 ? 0.2138 0.2709 0.3957 0.0092  -0.0262 -0.0709 4   DC  A "C3'" 
66  O "O3'" . DC  A 4 ? 0.2255 0.2959 0.4633 0.0141  -0.0348 -0.0901 4   DC  A "O3'" 
67  C "C2'" . DC  A 4 ? 0.2259 0.2623 0.3705 0.0047  -0.0354 -0.0407 4   DC  A "C2'" 
68  C "C1'" . DC  A 4 ? 0.2341 0.2575 0.3474 0.0032  -0.0332 -0.0275 4   DC  A "C1'" 
69  N N1    . DC  A 4 ? 0.2257 0.2519 0.2945 -0.0023 -0.0137 -0.0233 4   DC  A N1    
70  C C2    . DC  A 4 ? 0.2279 0.2441 0.2649 -0.0073 -0.0130 -0.0058 4   DC  A C2    
71  O O2    . DC  A 4 ? 0.2447 0.2524 0.2833 -0.0093 -0.0263 0.0059  4   DC  A O2    
72  N N3    . DC  A 4 ? 0.2147 0.2313 0.2221 -0.0110 0.0005  -0.0029 4   DC  A N3    
73  C C4    . DC  A 4 ? 0.2244 0.2491 0.2266 -0.0120 0.0109  -0.0122 4   DC  A C4    
74  N N4    . DC  A 4 ? 0.2593 0.2804 0.2355 -0.0167 0.0182  -0.0055 4   DC  A N4    
75  C C5    . DC  A 4 ? 0.2577 0.2952 0.2833 -0.0098 0.0128  -0.0301 4   DC  A C5    
76  C C6    . DC  A 4 ? 0.2312 0.2700 0.2931 -0.0038 0.0012  -0.0374 4   DC  A C6    
77  P P     . DG  A 5 ? 0.2376 0.3273 0.4797 0.0091  -0.0222 -0.1003 5   DG  A P     
78  O OP1   . DG  A 5 ? 0.2405 0.3444 0.5549 0.0165  -0.0347 -0.1243 5   DG  A OP1   
79  O OP2   . DG  A 5 ? 0.2639 0.3712 0.4680 -0.0010 0.0068  -0.1084 5   DG  A OP2   
80  O "O5'" . DG  A 5 ? 0.2114 0.2791 0.4190 0.0055  -0.0351 -0.0691 5   DG  A "O5'" 
81  C "C5'" . DG  A 5 ? 0.2144 0.2870 0.3894 -0.0023 -0.0209 -0.0633 5   DG  A "C5'" 
82  C "C4'" . DG  A 5 ? 0.2064 0.2575 0.3492 -0.0053 -0.0347 -0.0369 5   DG  A "C4'" 
83  O "O4'" . DG  A 5 ? 0.2073 0.2434 0.3127 -0.0068 -0.0327 -0.0217 5   DG  A "O4'" 
84  C "C3'" . DG  A 5 ? 0.2105 0.2640 0.3253 -0.0125 -0.0239 -0.0318 5   DG  A "C3'" 
85  O "O3'" . DG  A 5 ? 0.2282 0.2899 0.3748 -0.0124 -0.0336 -0.0387 5   DG  A "O3'" 
86  C "C2'" . DG  A 5 ? 0.2220 0.2561 0.2965 -0.0162 -0.0313 -0.0102 5   DG  A "C2'" 
87  C "C1'" . DG  A 5 ? 0.2137 0.2418 0.2779 -0.0134 -0.0275 -0.0074 5   DG  A "C1'" 
88  N N9    . DG  A 5 ? 0.2024 0.2336 0.2401 -0.0158 -0.0076 -0.0097 5   DG  A N9    
89  C C8    . DG  A 5 ? 0.1985 0.2403 0.2410 -0.0152 0.0049  -0.0217 5   DG  A C8    
90  N N7    . DG  A 5 ? 0.2139 0.2529 0.2268 -0.0200 0.0163  -0.0165 5   DG  A N7    
91  C C5    . DG  A 5 ? 0.2000 0.2271 0.1945 -0.0218 0.0124  -0.0039 5   DG  A C5    
92  C C6    . DG  A 5 ? 0.2310 0.2502 0.2021 -0.0253 0.0179  0.0035  5   DG  A C6    
93  O O6    . DG  A 5 ? 0.2699 0.2875 0.2295 -0.0281 0.0245  0.0049  5   DG  A O6    
94  N N1    . DG  A 5 ? 0.2095 0.2223 0.1732 -0.0267 0.0131  0.0085  5   DG  A N1    
95  C C2    . DG  A 5 ? 0.2235 0.2367 0.1926 -0.0272 0.0029  0.0103  5   DG  A C2    
96  N N2    . DG  A 5 ? 0.2608 0.2707 0.2151 -0.0320 0.0007  0.0131  5   DG  A N2    
97  N N3    . DG  A 5 ? 0.2203 0.2371 0.2105 -0.0242 -0.0066 0.0082  5   DG  A N3    
98  C C4    . DG  A 5 ? 0.2034 0.2274 0.2091 -0.0204 -0.0005 -0.0005 5   DG  A C4    
99  P P     . DA  A 6 ? 0.2412 0.3152 0.3806 -0.0197 -0.0182 -0.0446 6   DA  A P     
100 O OP1   . DA  A 6 ? 0.2759 0.3621 0.4629 -0.0176 -0.0301 -0.0565 6   DA  A OP1   
101 O OP2   . DA  A 6 ? 0.3086 0.3945 0.4316 -0.0252 0.0064  -0.0526 6   DA  A OP2   
102 O "O5'" . DA  A 6 ? 0.2254 0.2817 0.3202 -0.0249 -0.0220 -0.0255 6   DA  A "O5'" 
103 C "C5'" . DA  A 6 ? 0.2397 0.2846 0.3312 -0.0258 -0.0438 -0.0142 6   DA  A "C5'" 
104 C "C4'" . DA  A 6 ? 0.2505 0.2851 0.2978 -0.0327 -0.0400 -0.0035 6   DA  A "C4'" 
105 O "O4'" . DA  A 6 ? 0.2501 0.2774 0.2704 -0.0323 -0.0299 0.0025  6   DA  A "O4'" 
106 C "C3'" . DA  A 6 ? 0.2535 0.2937 0.2948 -0.0369 -0.0252 -0.0101 6   DA  A "C3'" 
107 O "O3'" . DA  A 6 ? 0.2751 0.3199 0.3329 -0.0400 -0.0359 -0.0139 6   DA  A "O3'" 
108 C "C2'" . DA  A 6 ? 0.2556 0.2849 0.2597 -0.0406 -0.0198 -0.0033 6   DA  A "C2'" 
109 C "C1'" . DA  A 6 ? 0.2787 0.3037 0.2748 -0.0364 -0.0169 0.0020  6   DA  A "C1'" 
110 N N9    . DA  A 6 ? 0.2378 0.2648 0.2336 -0.0343 -0.0013 -0.0015 6   DA  A N9    
111 C C8    . DA  A 6 ? 0.2233 0.2585 0.2356 -0.0311 0.0040  -0.0071 6   DA  A C8    
112 N N7    . DA  A 6 ? 0.2352 0.2705 0.2352 -0.0335 0.0165  -0.0070 6   DA  A N7    
113 C C5    . DA  A 6 ? 0.2397 0.2642 0.2210 -0.0363 0.0175  -0.0005 6   DA  A C5    
114 C C6    . DA  A 6 ? 0.2462 0.2630 0.2145 -0.0395 0.0235  0.0041  6   DA  A C6    
115 N N6    . DA  A 6 ? 0.2558 0.2740 0.2186 -0.0429 0.0295  0.0065  6   DA  A N6    
116 N N1    . DA  A 6 ? 0.2313 0.2390 0.1945 -0.0402 0.0211  0.0050  6   DA  A N1    
117 C C2    . DA  A 6 ? 0.2298 0.2391 0.1932 -0.0400 0.0158  0.0009  6   DA  A C2    
118 N N3    . DA  A 6 ? 0.2620 0.2773 0.2291 -0.0396 0.0087  0.0001  6   DA  A N3    
119 C C4    . DA  A 6 ? 0.2414 0.2628 0.2208 -0.0366 0.0086  0.0002  6   DA  A C4    
120 P P     . DG  A 7 ? 0.2516 0.3087 0.3295 -0.0437 -0.0237 -0.0249 7   DG  A P     
121 O OP1   . DG  A 7 ? 0.2891 0.3496 0.3867 -0.0457 -0.0404 -0.0280 7   DG  A OP1   
122 O OP2   . DG  A 7 ? 0.2734 0.3445 0.3713 -0.0430 -0.0082 -0.0338 7   DG  A OP2   
123 O "O5'" . DG  A 7 ? 0.2591 0.3064 0.3060 -0.0490 -0.0120 -0.0208 7   DG  A "O5'" 
124 C "C5'" . DG  A 7 ? 0.2785 0.3167 0.3038 -0.0518 -0.0199 -0.0185 7   DG  A "C5'" 
125 C "C4'" . DG  A 7 ? 0.2646 0.2945 0.2739 -0.0542 -0.0080 -0.0190 7   DG  A "C4'" 
126 O "O4'" . DG  A 7 ? 0.2672 0.2922 0.2634 -0.0503 -0.0003 -0.0133 7   DG  A "O4'" 
127 C "C3'" . DG  A 7 ? 0.2381 0.2694 0.2637 -0.0590 0.0006  -0.0211 7   DG  A "C3'" 
128 O "O3'" . DG  A 7 ? 0.2714 0.3023 0.3056 -0.0634 -0.0056 -0.0277 7   DG  A "O3'" 
129 C "C2'" . DG  A 7 ? 0.2806 0.3002 0.2929 -0.0589 0.0084  -0.0160 7   DG  A "C2'" 
130 C "C1'" . DG  A 7 ? 0.2588 0.2782 0.2561 -0.0525 0.0094  -0.0116 7   DG  A "C1'" 
131 N N9    . DG  A 7 ? 0.2356 0.2598 0.2353 -0.0524 0.0168  -0.0072 7   DG  A N9    
132 C C8    . DG  A 7 ? 0.2432 0.2795 0.2542 -0.0497 0.0169  -0.0105 7   DG  A C8    
133 N N7    . DG  A 7 ? 0.2509 0.2927 0.2601 -0.0519 0.0264  -0.0098 7   DG  A N7    
134 C C5    . DG  A 7 ? 0.2259 0.2556 0.2185 -0.0570 0.0300  -0.0014 7   DG  A C5    
135 C C6    . DG  A 7 ? 0.2532 0.2809 0.2326 -0.0636 0.0363  0.0058  7   DG  A C6    
136 O O6    . DG  A 7 ? 0.2548 0.2942 0.2305 -0.0674 0.0437  0.0031  7   DG  A O6    
137 N N1    . DG  A 7 ? 0.2823 0.2926 0.2539 -0.0672 0.0315  0.0156  7   DG  A N1    
138 C C2    . DG  A 7 ? 0.3014 0.3006 0.2815 -0.0635 0.0244  0.0136  7   DG  A C2    
139 N N2    . DG  A 7 ? 0.3034 0.2860 0.2856 -0.0665 0.0183  0.0207  7   DG  A N2    
140 N N3    . DG  A 7 ? 0.2715 0.2760 0.2596 -0.0585 0.0218  0.0040  7   DG  A N3    
141 C C4    . DG  A 7 ? 0.2291 0.2476 0.2208 -0.0560 0.0236  -0.0006 7   DG  A C4    
142 P P     . DC  A 8 ? 0.2914 0.3280 0.3513 -0.0710 -0.0021 -0.0302 8   DC  A P     
143 O OP1   . DC  A 8 ? 0.2926 0.3282 0.3603 -0.0738 -0.0124 -0.0390 8   DC  A OP1   
144 O OP2   . DC  A 8 ? 0.3717 0.4245 0.4500 -0.0714 0.0026  -0.0311 8   DC  A OP2   
145 O "O5'" . DC  A 8 ? 0.3357 0.3606 0.3912 -0.0764 0.0071  -0.0224 8   DC  A "O5'" 
146 C "C5'" . DC  A 8 ? 0.3475 0.3569 0.3996 -0.0758 0.0029  -0.0246 8   DC  A "C5'" 
147 C "C4'" . DC  A 8 ? 0.3190 0.3148 0.3742 -0.0820 0.0057  -0.0129 8   DC  A "C4'" 
148 O "O4'" . DC  A 8 ? 0.3238 0.3204 0.3611 -0.0801 0.0120  -0.0031 8   DC  A "O4'" 
149 C "C3'" . DC  A 8 ? 0.4660 0.4635 0.5369 -0.0962 0.0077  -0.0053 8   DC  A "C3'" 
150 O "O3'" . DC  A 8 ? 0.5020 0.4795 0.5861 -0.1023 -0.0005 0.0006  8   DC  A "O3'" 
151 C "C2'" . DC  A 8 ? 0.4147 0.4218 0.4711 -0.1032 0.0184  0.0062  8   DC  A "C2'" 
152 C "C1'" . DC  A 8 ? 0.3780 0.3758 0.4146 -0.0930 0.0172  0.0096  8   DC  A "C1'" 
153 N N1    . DC  A 8 ? 0.3224 0.3352 0.3445 -0.0924 0.0270  0.0109  8   DC  A N1    
154 C C2    . DC  A 8 ? 0.3163 0.3249 0.3202 -0.0997 0.0305  0.0235  8   DC  A C2    
155 O O2    . DC  A 8 ? 0.3477 0.3374 0.3485 -0.1064 0.0225  0.0366  8   DC  A O2    
156 N N3    . DC  A 8 ? 0.2813 0.3060 0.2743 -0.0997 0.0401  0.0201  8   DC  A N3    
157 C C4    . DC  A 8 ? 0.2708 0.3136 0.2769 -0.0916 0.0445  0.0053  8   DC  A C4    
158 N N4    . DC  A 8 ? 0.2522 0.3109 0.2549 -0.0911 0.0531  -0.0012 8   DC  A N4    
159 C C5    . DC  A 8 ? 0.2444 0.2890 0.2702 -0.0842 0.0378  -0.0039 8   DC  A C5    
160 C C6    . DC  A 8 ? 0.2876 0.3180 0.3175 -0.0857 0.0302  -0.0009 8   DC  A C6    
161 O O     . HOH B . ? 0.4275 0.5095 0.4660 -0.0197 0.0375  -0.0773 101 HOH A O     
162 O O     . HOH B . ? 0.5256 0.5032 0.4181 -0.0362 -0.0200 0.0313  102 HOH A O     
163 O O     . HOH B . ? 0.3653 0.4465 0.4642 -0.0772 0.0252  -0.0353 103 HOH A O     
164 O O     . HOH B . ? 0.3539 0.3352 0.3286 -0.0085 0.0007  0.0199  104 HOH A O     
165 O O     . HOH B . ? 0.3137 0.3989 0.4103 -0.0149 0.0247  -0.0705 105 HOH A O     
166 O O     . HOH B . ? 0.3711 0.3617 0.3429 -0.0151 0.0106  0.0224  106 HOH A O     
167 O O     . HOH B . ? 0.3721 0.3752 0.4527 0.0082  -0.0270 -0.0457 107 HOH A O     
168 O O     . HOH B . ? 0.3678 0.4334 0.4059 -0.0334 0.0287  -0.0309 108 HOH A O     
169 O O     . HOH B . ? 0.4332 0.5108 0.4399 -0.0629 0.0550  -0.0250 109 HOH A O     
170 O O     . HOH B . ? 0.5148 0.5968 0.3398 -0.0838 0.0199  -0.0672 110 HOH A O     
171 O O     . HOH B . ? 0.5055 0.5849 0.4746 -0.0367 0.0463  -0.0658 111 HOH A O     
172 O O     . HOH B . ? 0.3439 0.4277 0.4319 -0.0621 0.0257  -0.0368 112 HOH A O     
173 O O     . HOH B . ? 0.3274 0.4188 0.6771 0.0175  -0.0707 -0.1042 113 HOH A O     
174 O O     . HOH B . ? 0.3675 0.4255 0.3557 -0.0334 0.0405  -0.0288 114 HOH A O     
175 O O     . HOH B . ? 0.2806 0.2874 0.2625 -0.0340 -0.0386 0.0261  115 HOH A O     
176 O O     . HOH B . ? 0.4606 0.4437 0.4068 -0.0132 0.0054  0.0214  116 HOH A O     
177 O O     . HOH B . ? 0.5027 0.5077 0.2935 -0.0853 -0.0402 0.0202  117 HOH A O     
178 O O     . HOH B . ? 0.3082 0.4043 0.3679 -0.0755 0.0538  -0.0351 118 HOH A O     
179 O O     . HOH B . ? 0.3843 0.4182 0.3362 -0.0480 0.0404  0.0015  119 HOH A O     
180 O O     . HOH B . ? 0.3961 0.4742 0.4421 -0.0513 0.0388  -0.0321 120 HOH A O     
181 O O     . HOH B . ? 0.3906 0.3769 0.4026 -0.0610 0.0104  -0.0079 121 HOH A O     
182 O O     . HOH B . ? 0.4198 0.4616 0.3704 -0.0322 0.0359  -0.0194 122 HOH A O     
183 O O     . HOH B . ? 0.4652 0.4754 0.3764 -0.0326 0.0182  0.0062  123 HOH A O     
184 O O     . HOH B . ? 0.5879 0.6181 0.4830 -0.0426 0.0201  -0.0145 124 HOH A O     
185 O O     . HOH B . ? 0.4799 0.5530 0.5988 -0.0602 -0.0240 -0.0416 125 HOH A O     
186 O O     . HOH B . ? 0.4556 0.4176 0.4722 -0.0548 0.0045  -0.0002 126 HOH A O     
187 O O     . HOH B . ? 0.3062 0.3115 0.3134 -0.0407 -0.0766 0.0335  127 HOH A O     
188 O O     . HOH B . ? 0.3534 0.3679 0.3236 -0.0523 -0.0631 0.0231  128 HOH A O     
189 O O     . HOH B . ? 0.5005 0.5408 0.5301 -0.0685 -0.0424 -0.0380 129 HOH A O     
190 O O     . HOH B . ? 0.4046 0.4953 0.4849 -0.0082 0.0137  -0.1546 130 HOH A O     
191 O O     . HOH B . ? 0.4063 0.5010 0.4802 -0.0305 0.0396  -0.0624 131 HOH A O     
192 O O     . HOH B . ? 0.4412 0.4789 0.5766 0.0132  -0.0207 -0.1046 132 HOH A O     
193 O O     . HOH B . ? 0.4469 0.5401 0.4860 -0.0287 0.0473  -0.0734 133 HOH A O     
194 O O     . HOH B . ? 0.6195 0.5790 0.4740 -0.0600 -0.0480 0.0588  134 HOH A O     
195 O O     . HOH B . ? 0.5031 0.4453 0.3697 -0.0579 -0.0820 0.0685  135 HOH A O     
196 O O     . HOH B . ? 0.3997 0.5318 0.7220 0.0016  -0.0244 -0.1239 136 HOH A O     
# 
loop_
_pdbx_poly_seq_scheme.asym_id 
_pdbx_poly_seq_scheme.entity_id 
_pdbx_poly_seq_scheme.seq_id 
_pdbx_poly_seq_scheme.mon_id 
_pdbx_poly_seq_scheme.ndb_seq_num 
_pdbx_poly_seq_scheme.pdb_seq_num 
_pdbx_poly_seq_scheme.auth_seq_num 
_pdbx_poly_seq_scheme.pdb_mon_id 
_pdbx_poly_seq_scheme.auth_mon_id 
_pdbx_poly_seq_scheme.pdb_strand_id 
_pdbx_poly_seq_scheme.pdb_ins_code 
_pdbx_poly_seq_scheme.hetero 
A 1 1 DG 1 1 1 DG DG A . n 
A 1 2 DC 2 2 2 DC DC A . n 
A 1 3 DC 3 3 3 DC DC A . n 
A 1 4 DC 4 4 4 DC DC A . n 
A 1 5 DG 5 5 5 DG DG A . n 
A 1 6 DA 6 6 6 DA DA A . n 
A 1 7 DG 7 7 7 DG DG A . n 
A 1 8 DC 8 8 8 DC DC A . n 
# 
loop_
_pdbx_nonpoly_scheme.asym_id 
_pdbx_nonpoly_scheme.entity_id 
_pdbx_nonpoly_scheme.mon_id 
_pdbx_nonpoly_scheme.ndb_seq_num 
_pdbx_nonpoly_scheme.pdb_seq_num 
_pdbx_nonpoly_scheme.auth_seq_num 
_pdbx_nonpoly_scheme.pdb_mon_id 
_pdbx_nonpoly_scheme.auth_mon_id 
_pdbx_nonpoly_scheme.pdb_strand_id 
_pdbx_nonpoly_scheme.pdb_ins_code 
B 2 HOH 1  101 31 HOH HOH A . 
B 2 HOH 2  102 21 HOH HOH A . 
B 2 HOH 3  103 19 HOH HOH A . 
B 2 HOH 4  104 2  HOH HOH A . 
B 2 HOH 5  105 9  HOH HOH A . 
B 2 HOH 6  106 15 HOH HOH A . 
B 2 HOH 7  107 23 HOH HOH A . 
B 2 HOH 8  108 11 HOH HOH A . 
B 2 HOH 9  109 25 HOH HOH A . 
B 2 HOH 10 110 22 HOH HOH A . 
B 2 HOH 11 111 26 HOH HOH A . 
B 2 HOH 12 112 8  HOH HOH A . 
B 2 HOH 13 113 6  HOH HOH A . 
B 2 HOH 14 114 12 HOH HOH A . 
B 2 HOH 15 115 1  HOH HOH A . 
B 2 HOH 16 116 13 HOH HOH A . 
B 2 HOH 17 117 10 HOH HOH A . 
B 2 HOH 18 118 3  HOH HOH A . 
B 2 HOH 19 119 4  HOH HOH A . 
B 2 HOH 20 120 7  HOH HOH A . 
B 2 HOH 21 121 17 HOH HOH A . 
B 2 HOH 22 122 20 HOH HOH A . 
B 2 HOH 23 123 16 HOH HOH A . 
B 2 HOH 24 124 28 HOH HOH A . 
B 2 HOH 25 125 18 HOH HOH A . 
B 2 HOH 26 126 33 HOH HOH A . 
B 2 HOH 27 127 5  HOH HOH A . 
B 2 HOH 28 128 14 HOH HOH A . 
B 2 HOH 29 129 34 HOH HOH A . 
B 2 HOH 30 130 32 HOH HOH A . 
B 2 HOH 31 131 30 HOH HOH A . 
B 2 HOH 32 132 27 HOH HOH A . 
B 2 HOH 33 133 35 HOH HOH A . 
B 2 HOH 34 134 24 HOH HOH A . 
B 2 HOH 35 135 29 HOH HOH A . 
B 2 HOH 36 136 36 HOH HOH A . 
# 
_pdbx_struct_assembly.id                   1 
_pdbx_struct_assembly.details              author_and_software_defined_assembly 
_pdbx_struct_assembly.method_details       PISA 
_pdbx_struct_assembly.oligomeric_details   dimeric 
_pdbx_struct_assembly.oligomeric_count     2 
# 
_pdbx_struct_assembly_gen.assembly_id       1 
_pdbx_struct_assembly_gen.oper_expression   1,2 
_pdbx_struct_assembly_gen.asym_id_list      A,B 
# 
loop_
_pdbx_struct_assembly_prop.biol_id 
_pdbx_struct_assembly_prop.type 
_pdbx_struct_assembly_prop.value 
_pdbx_struct_assembly_prop.details 
1 'ABSA (A^2)' 760  ? 
1 MORE         -5   ? 
1 'SSA (A^2)'  3080 ? 
# 
loop_
_pdbx_struct_oper_list.id 
_pdbx_struct_oper_list.type 
_pdbx_struct_oper_list.name 
_pdbx_struct_oper_list.symmetry_operation 
_pdbx_struct_oper_list.matrix[1][1] 
_pdbx_struct_oper_list.matrix[1][2] 
_pdbx_struct_oper_list.matrix[1][3] 
_pdbx_struct_oper_list.vector[1] 
_pdbx_struct_oper_list.matrix[2][1] 
_pdbx_struct_oper_list.matrix[2][2] 
_pdbx_struct_oper_list.matrix[2][3] 
_pdbx_struct_oper_list.vector[2] 
_pdbx_struct_oper_list.matrix[3][1] 
_pdbx_struct_oper_list.matrix[3][2] 
_pdbx_struct_oper_list.matrix[3][3] 
_pdbx_struct_oper_list.vector[3] 
1 'identity operation'         1_555 x,y,z  1.0000000000  0.0000000000  0.0000000000 0.0000000000 0.0000000000  1.0000000000  0.0000000000  0.0000000000  0.0000000000 0.0000000000  1.0000000000 0.0000000000  
2 'crystal symmetry operation' 7_555 y,x,-z -0.7444231067 -0.1843186940 0.6417638641 3.7224722478 -0.1843186940 -0.8670717821 -0.4628316581 -1.8962744602 0.6417638641 -0.4628316581 0.6114948888 -2.0270644661 
# 
loop_
_pdbx_audit_revision_history.ordinal 
_pdbx_audit_revision_history.data_content_type 
_pdbx_audit_revision_history.major_revision 
_pdbx_audit_revision_history.minor_revision 
_pdbx_audit_revision_history.revision_date 
1 'Structure model' 1 0 2017-12-06 
2 'Structure model' 1 1 2023-11-22 
# 
_pdbx_audit_revision_details.ordinal             1 
_pdbx_audit_revision_details.revision_ordinal    1 
_pdbx_audit_revision_details.data_content_type   'Structure model' 
_pdbx_audit_revision_details.provider            repository 
_pdbx_audit_revision_details.type                'Initial release' 
_pdbx_audit_revision_details.description         ? 
_pdbx_audit_revision_details.details             ? 
# 
loop_
_pdbx_audit_revision_group.ordinal 
_pdbx_audit_revision_group.revision_ordinal 
_pdbx_audit_revision_group.data_content_type 
_pdbx_audit_revision_group.group 
1 2 'Structure model' 'Data collection'        
2 2 'Structure model' 'Database references'    
3 2 'Structure model' 'Refinement description' 
# 
loop_
_pdbx_audit_revision_category.ordinal 
_pdbx_audit_revision_category.revision_ordinal 
_pdbx_audit_revision_category.data_content_type 
_pdbx_audit_revision_category.category 
1 2 'Structure model' chem_comp_atom                
2 2 'Structure model' chem_comp_bond                
3 2 'Structure model' database_2                    
4 2 'Structure model' pdbx_initial_refinement_model 
# 
loop_
_pdbx_audit_revision_item.ordinal 
_pdbx_audit_revision_item.revision_ordinal 
_pdbx_audit_revision_item.data_content_type 
_pdbx_audit_revision_item.item 
1 2 'Structure model' '_database_2.pdbx_DOI'                
2 2 'Structure model' '_database_2.pdbx_database_accession' 
# 
_pdbx_refine_tls.pdbx_refine_id   'X-RAY DIFFRACTION' 
_pdbx_refine_tls.id               1 
_pdbx_refine_tls.details          ? 
_pdbx_refine_tls.method           refined 
_pdbx_refine_tls.origin_x         -0.1582 
_pdbx_refine_tls.origin_y         0.0657 
_pdbx_refine_tls.origin_z         0.0729 
_pdbx_refine_tls.T[1][1]          0.1980 
_pdbx_refine_tls.T[2][2]          0.2305 
_pdbx_refine_tls.T[3][3]          0.1805 
_pdbx_refine_tls.T[1][2]          -0.0240 
_pdbx_refine_tls.T[1][3]          0.0248 
_pdbx_refine_tls.T[2][3]          -0.0095 
_pdbx_refine_tls.L[1][1]          5.0304 
_pdbx_refine_tls.L[2][2]          3.7015 
_pdbx_refine_tls.L[3][3]          1.3723 
_pdbx_refine_tls.L[1][2]          2.3492 
_pdbx_refine_tls.L[1][3]          1.7275 
_pdbx_refine_tls.L[2][3]          1.3216 
_pdbx_refine_tls.S[1][1]          -0.0142 
_pdbx_refine_tls.S[1][2]          -0.2856 
_pdbx_refine_tls.S[1][3]          0.3080 
_pdbx_refine_tls.S[2][1]          0.0862 
_pdbx_refine_tls.S[2][2]          -0.1910 
_pdbx_refine_tls.S[2][3]          0.3843 
_pdbx_refine_tls.S[3][1]          0.0672 
_pdbx_refine_tls.S[3][2]          -0.2590 
_pdbx_refine_tls.S[3][3]          0.2106 
# 
_pdbx_refine_tls_group.pdbx_refine_id      'X-RAY DIFFRACTION' 
_pdbx_refine_tls_group.id                  1 
_pdbx_refine_tls_group.refine_tls_id       1 
_pdbx_refine_tls_group.beg_auth_asym_id    ? 
_pdbx_refine_tls_group.beg_auth_seq_id     ? 
_pdbx_refine_tls_group.beg_label_asym_id   ? 
_pdbx_refine_tls_group.beg_label_seq_id    ? 
_pdbx_refine_tls_group.end_auth_asym_id    ? 
_pdbx_refine_tls_group.end_auth_seq_id     ? 
_pdbx_refine_tls_group.end_label_asym_id   ? 
_pdbx_refine_tls_group.end_label_seq_id    ? 
_pdbx_refine_tls_group.selection           ? 
_pdbx_refine_tls_group.selection_details   all 
# 
loop_
_software.citation_id 
_software.classification 
_software.compiler_name 
_software.compiler_version 
_software.contact_author 
_software.contact_author_email 
_software.date 
_software.description 
_software.dependencies 
_software.hardware 
_software.language 
_software.location 
_software.mods 
_software.name 
_software.os 
_software.os_version 
_software.type 
_software.version 
_software.pdbx_ordinal 
? refinement       ? ? ? ? ? ? ? ? ? ? ? PHENIX   ? ? ? '(1.10.1_2155: ???)' 1 
? 'data reduction' ? ? ? ? ? ? ? ? ? ? ? HKL-3000 ? ? ? .                    2 
? 'data scaling'   ? ? ? ? ? ? ? ? ? ? ? HKL-3000 ? ? ? .                    3 
? phasing          ? ? ? ? ? ? ? ? ? ? ? PHASER   ? ? ? .                    4 
# 
loop_
_chem_comp_atom.comp_id 
_chem_comp_atom.atom_id 
_chem_comp_atom.type_symbol 
_chem_comp_atom.pdbx_aromatic_flag 
_chem_comp_atom.pdbx_stereo_config 
_chem_comp_atom.pdbx_ordinal 
DA  OP3    O N N 1   
DA  P      P N N 2   
DA  OP1    O N N 3   
DA  OP2    O N N 4   
DA  "O5'"  O N N 5   
DA  "C5'"  C N N 6   
DA  "C4'"  C N R 7   
DA  "O4'"  O N N 8   
DA  "C3'"  C N S 9   
DA  "O3'"  O N N 10  
DA  "C2'"  C N N 11  
DA  "C1'"  C N R 12  
DA  N9     N Y N 13  
DA  C8     C Y N 14  
DA  N7     N Y N 15  
DA  C5     C Y N 16  
DA  C6     C Y N 17  
DA  N6     N N N 18  
DA  N1     N Y N 19  
DA  C2     C Y N 20  
DA  N3     N Y N 21  
DA  C4     C Y N 22  
DA  HOP3   H N N 23  
DA  HOP2   H N N 24  
DA  "H5'"  H N N 25  
DA  "H5''" H N N 26  
DA  "H4'"  H N N 27  
DA  "H3'"  H N N 28  
DA  "HO3'" H N N 29  
DA  "H2'"  H N N 30  
DA  "H2''" H N N 31  
DA  "H1'"  H N N 32  
DA  H8     H N N 33  
DA  H61    H N N 34  
DA  H62    H N N 35  
DA  H2     H N N 36  
DC  OP3    O N N 37  
DC  P      P N N 38  
DC  OP1    O N N 39  
DC  OP2    O N N 40  
DC  "O5'"  O N N 41  
DC  "C5'"  C N N 42  
DC  "C4'"  C N R 43  
DC  "O4'"  O N N 44  
DC  "C3'"  C N S 45  
DC  "O3'"  O N N 46  
DC  "C2'"  C N N 47  
DC  "C1'"  C N R 48  
DC  N1     N N N 49  
DC  C2     C N N 50  
DC  O2     O N N 51  
DC  N3     N N N 52  
DC  C4     C N N 53  
DC  N4     N N N 54  
DC  C5     C N N 55  
DC  C6     C N N 56  
DC  HOP3   H N N 57  
DC  HOP2   H N N 58  
DC  "H5'"  H N N 59  
DC  "H5''" H N N 60  
DC  "H4'"  H N N 61  
DC  "H3'"  H N N 62  
DC  "HO3'" H N N 63  
DC  "H2'"  H N N 64  
DC  "H2''" H N N 65  
DC  "H1'"  H N N 66  
DC  H41    H N N 67  
DC  H42    H N N 68  
DC  H5     H N N 69  
DC  H6     H N N 70  
DG  OP3    O N N 71  
DG  P      P N N 72  
DG  OP1    O N N 73  
DG  OP2    O N N 74  
DG  "O5'"  O N N 75  
DG  "C5'"  C N N 76  
DG  "C4'"  C N R 77  
DG  "O4'"  O N N 78  
DG  "C3'"  C N S 79  
DG  "O3'"  O N N 80  
DG  "C2'"  C N N 81  
DG  "C1'"  C N R 82  
DG  N9     N Y N 83  
DG  C8     C Y N 84  
DG  N7     N Y N 85  
DG  C5     C Y N 86  
DG  C6     C N N 87  
DG  O6     O N N 88  
DG  N1     N N N 89  
DG  C2     C N N 90  
DG  N2     N N N 91  
DG  N3     N N N 92  
DG  C4     C Y N 93  
DG  HOP3   H N N 94  
DG  HOP2   H N N 95  
DG  "H5'"  H N N 96  
DG  "H5''" H N N 97  
DG  "H4'"  H N N 98  
DG  "H3'"  H N N 99  
DG  "HO3'" H N N 100 
DG  "H2'"  H N N 101 
DG  "H2''" H N N 102 
DG  "H1'"  H N N 103 
DG  H8     H N N 104 
DG  H1     H N N 105 
DG  H21    H N N 106 
DG  H22    H N N 107 
HOH O      O N N 108 
HOH H1     H N N 109 
HOH H2     H N N 110 
# 
loop_
_chem_comp_bond.comp_id 
_chem_comp_bond.atom_id_1 
_chem_comp_bond.atom_id_2 
_chem_comp_bond.value_order 
_chem_comp_bond.pdbx_aromatic_flag 
_chem_comp_bond.pdbx_stereo_config 
_chem_comp_bond.pdbx_ordinal 
DA  OP3   P      sing N N 1   
DA  OP3   HOP3   sing N N 2   
DA  P     OP1    doub N N 3   
DA  P     OP2    sing N N 4   
DA  P     "O5'"  sing N N 5   
DA  OP2   HOP2   sing N N 6   
DA  "O5'" "C5'"  sing N N 7   
DA  "C5'" "C4'"  sing N N 8   
DA  "C5'" "H5'"  sing N N 9   
DA  "C5'" "H5''" sing N N 10  
DA  "C4'" "O4'"  sing N N 11  
DA  "C4'" "C3'"  sing N N 12  
DA  "C4'" "H4'"  sing N N 13  
DA  "O4'" "C1'"  sing N N 14  
DA  "C3'" "O3'"  sing N N 15  
DA  "C3'" "C2'"  sing N N 16  
DA  "C3'" "H3'"  sing N N 17  
DA  "O3'" "HO3'" sing N N 18  
DA  "C2'" "C1'"  sing N N 19  
DA  "C2'" "H2'"  sing N N 20  
DA  "C2'" "H2''" sing N N 21  
DA  "C1'" N9     sing N N 22  
DA  "C1'" "H1'"  sing N N 23  
DA  N9    C8     sing Y N 24  
DA  N9    C4     sing Y N 25  
DA  C8    N7     doub Y N 26  
DA  C8    H8     sing N N 27  
DA  N7    C5     sing Y N 28  
DA  C5    C6     sing Y N 29  
DA  C5    C4     doub Y N 30  
DA  C6    N6     sing N N 31  
DA  C6    N1     doub Y N 32  
DA  N6    H61    sing N N 33  
DA  N6    H62    sing N N 34  
DA  N1    C2     sing Y N 35  
DA  C2    N3     doub Y N 36  
DA  C2    H2     sing N N 37  
DA  N3    C4     sing Y N 38  
DC  OP3   P      sing N N 39  
DC  OP3   HOP3   sing N N 40  
DC  P     OP1    doub N N 41  
DC  P     OP2    sing N N 42  
DC  P     "O5'"  sing N N 43  
DC  OP2   HOP2   sing N N 44  
DC  "O5'" "C5'"  sing N N 45  
DC  "C5'" "C4'"  sing N N 46  
DC  "C5'" "H5'"  sing N N 47  
DC  "C5'" "H5''" sing N N 48  
DC  "C4'" "O4'"  sing N N 49  
DC  "C4'" "C3'"  sing N N 50  
DC  "C4'" "H4'"  sing N N 51  
DC  "O4'" "C1'"  sing N N 52  
DC  "C3'" "O3'"  sing N N 53  
DC  "C3'" "C2'"  sing N N 54  
DC  "C3'" "H3'"  sing N N 55  
DC  "O3'" "HO3'" sing N N 56  
DC  "C2'" "C1'"  sing N N 57  
DC  "C2'" "H2'"  sing N N 58  
DC  "C2'" "H2''" sing N N 59  
DC  "C1'" N1     sing N N 60  
DC  "C1'" "H1'"  sing N N 61  
DC  N1    C2     sing N N 62  
DC  N1    C6     sing N N 63  
DC  C2    O2     doub N N 64  
DC  C2    N3     sing N N 65  
DC  N3    C4     doub N N 66  
DC  C4    N4     sing N N 67  
DC  C4    C5     sing N N 68  
DC  N4    H41    sing N N 69  
DC  N4    H42    sing N N 70  
DC  C5    C6     doub N N 71  
DC  C5    H5     sing N N 72  
DC  C6    H6     sing N N 73  
DG  OP3   P      sing N N 74  
DG  OP3   HOP3   sing N N 75  
DG  P     OP1    doub N N 76  
DG  P     OP2    sing N N 77  
DG  P     "O5'"  sing N N 78  
DG  OP2   HOP2   sing N N 79  
DG  "O5'" "C5'"  sing N N 80  
DG  "C5'" "C4'"  sing N N 81  
DG  "C5'" "H5'"  sing N N 82  
DG  "C5'" "H5''" sing N N 83  
DG  "C4'" "O4'"  sing N N 84  
DG  "C4'" "C3'"  sing N N 85  
DG  "C4'" "H4'"  sing N N 86  
DG  "O4'" "C1'"  sing N N 87  
DG  "C3'" "O3'"  sing N N 88  
DG  "C3'" "C2'"  sing N N 89  
DG  "C3'" "H3'"  sing N N 90  
DG  "O3'" "HO3'" sing N N 91  
DG  "C2'" "C1'"  sing N N 92  
DG  "C2'" "H2'"  sing N N 93  
DG  "C2'" "H2''" sing N N 94  
DG  "C1'" N9     sing N N 95  
DG  "C1'" "H1'"  sing N N 96  
DG  N9    C8     sing Y N 97  
DG  N9    C4     sing Y N 98  
DG  C8    N7     doub Y N 99  
DG  C8    H8     sing N N 100 
DG  N7    C5     sing Y N 101 
DG  C5    C6     sing N N 102 
DG  C5    C4     doub Y N 103 
DG  C6    O6     doub N N 104 
DG  C6    N1     sing N N 105 
DG  N1    C2     sing N N 106 
DG  N1    H1     sing N N 107 
DG  C2    N2     sing N N 108 
DG  C2    N3     doub N N 109 
DG  N2    H21    sing N N 110 
DG  N2    H22    sing N N 111 
DG  N3    C4     sing N N 112 
HOH O     H1     sing N N 113 
HOH O     H2     sing N N 114 
# 
loop_
_ndb_struct_conf_na.entry_id 
_ndb_struct_conf_na.feature 
5XK0 'a-form double helix'  
5XK0 'mismatched base pair' 
# 
loop_
_ndb_struct_na_base_pair.model_number 
_ndb_struct_na_base_pair.i_label_asym_id 
_ndb_struct_na_base_pair.i_label_comp_id 
_ndb_struct_na_base_pair.i_label_seq_id 
_ndb_struct_na_base_pair.i_symmetry 
_ndb_struct_na_base_pair.j_label_asym_id 
_ndb_struct_na_base_pair.j_label_comp_id 
_ndb_struct_na_base_pair.j_label_seq_id 
_ndb_struct_na_base_pair.j_symmetry 
_ndb_struct_na_base_pair.shear 
_ndb_struct_na_base_pair.stretch 
_ndb_struct_na_base_pair.stagger 
_ndb_struct_na_base_pair.buckle 
_ndb_struct_na_base_pair.propeller 
_ndb_struct_na_base_pair.opening 
_ndb_struct_na_base_pair.pair_number 
_ndb_struct_na_base_pair.pair_name 
_ndb_struct_na_base_pair.i_auth_asym_id 
_ndb_struct_na_base_pair.i_auth_seq_id 
_ndb_struct_na_base_pair.i_PDB_ins_code 
_ndb_struct_na_base_pair.j_auth_asym_id 
_ndb_struct_na_base_pair.j_auth_seq_id 
_ndb_struct_na_base_pair.j_PDB_ins_code 
_ndb_struct_na_base_pair.hbond_type_28 
_ndb_struct_na_base_pair.hbond_type_12 
1 A DG 1 1_555 A DC 8 7_555 -0.309 -0.168 -0.131 -7.936 -6.299  -3.078 1 A_DG1:DC8_A A 1 ? A 8 ? 19 1 
1 A DC 2 1_555 A DG 7 7_555 0.290  -0.152 0.035  4.710  -15.564 2.320  2 A_DC2:DG7_A A 2 ? A 7 ? 19 1 
1 A DC 3 1_555 A DA 6 7_555 2.530  -0.545 0.198  -2.906 -16.165 7.575  3 A_DC3:DA6_A A 3 ? A 6 ? ?  1 
1 A DC 4 1_555 A DG 5 7_555 0.243  -0.163 0.108  -2.093 -7.720  0.757  4 A_DC4:DG5_A A 4 ? A 5 ? 19 1 
1 A DG 5 1_555 A DC 4 7_555 -0.243 -0.163 0.108  2.093  -7.720  0.757  5 A_DG5:DC4_A A 5 ? A 4 ? 19 1 
1 A DA 6 1_555 A DC 3 7_555 -2.530 -0.545 0.198  2.906  -16.165 7.575  6 A_DA6:DC3_A A 6 ? A 3 ? ?  1 
1 A DG 7 1_555 A DC 2 7_555 -0.290 -0.152 0.035  -4.710 -15.564 2.320  7 A_DG7:DC2_A A 7 ? A 2 ? 19 1 
1 A DC 8 1_555 A DG 1 7_555 0.309  -0.168 -0.131 7.936  -6.299  -3.078 8 A_DC8:DG1_A A 8 ? A 1 ? 19 1 
# 
loop_
_ndb_struct_na_base_pair_step.model_number 
_ndb_struct_na_base_pair_step.i_label_asym_id_1 
_ndb_struct_na_base_pair_step.i_label_comp_id_1 
_ndb_struct_na_base_pair_step.i_label_seq_id_1 
_ndb_struct_na_base_pair_step.i_symmetry_1 
_ndb_struct_na_base_pair_step.j_label_asym_id_1 
_ndb_struct_na_base_pair_step.j_label_comp_id_1 
_ndb_struct_na_base_pair_step.j_label_seq_id_1 
_ndb_struct_na_base_pair_step.j_symmetry_1 
_ndb_struct_na_base_pair_step.i_label_asym_id_2 
_ndb_struct_na_base_pair_step.i_label_comp_id_2 
_ndb_struct_na_base_pair_step.i_label_seq_id_2 
_ndb_struct_na_base_pair_step.i_symmetry_2 
_ndb_struct_na_base_pair_step.j_label_asym_id_2 
_ndb_struct_na_base_pair_step.j_label_comp_id_2 
_ndb_struct_na_base_pair_step.j_label_seq_id_2 
_ndb_struct_na_base_pair_step.j_symmetry_2 
_ndb_struct_na_base_pair_step.shift 
_ndb_struct_na_base_pair_step.slide 
_ndb_struct_na_base_pair_step.rise 
_ndb_struct_na_base_pair_step.tilt 
_ndb_struct_na_base_pair_step.roll 
_ndb_struct_na_base_pair_step.twist 
_ndb_struct_na_base_pair_step.x_displacement 
_ndb_struct_na_base_pair_step.y_displacement 
_ndb_struct_na_base_pair_step.helical_rise 
_ndb_struct_na_base_pair_step.inclination 
_ndb_struct_na_base_pair_step.tip 
_ndb_struct_na_base_pair_step.helical_twist 
_ndb_struct_na_base_pair_step.step_number 
_ndb_struct_na_base_pair_step.step_name 
_ndb_struct_na_base_pair_step.i_auth_asym_id_1 
_ndb_struct_na_base_pair_step.i_auth_seq_id_1 
_ndb_struct_na_base_pair_step.i_PDB_ins_code_1 
_ndb_struct_na_base_pair_step.j_auth_asym_id_1 
_ndb_struct_na_base_pair_step.j_auth_seq_id_1 
_ndb_struct_na_base_pair_step.j_PDB_ins_code_1 
_ndb_struct_na_base_pair_step.i_auth_asym_id_2 
_ndb_struct_na_base_pair_step.i_auth_seq_id_2 
_ndb_struct_na_base_pair_step.i_PDB_ins_code_2 
_ndb_struct_na_base_pair_step.j_auth_asym_id_2 
_ndb_struct_na_base_pair_step.j_auth_seq_id_2 
_ndb_struct_na_base_pair_step.j_PDB_ins_code_2 
1 A DG 1 1_555 A DC 8 7_555 A DC 2 1_555 A DG 7 7_555 0.728  -1.099 3.015 -0.430 8.020 33.596 -2.950 -1.285 2.680 13.635 0.732  
34.516 1 AA_DG1DC2:DG7DC8_AA A 1 ? A 8 ? A 2 ? A 7 ? 
1 A DC 2 1_555 A DG 7 7_555 A DC 3 1_555 A DA 6 7_555 0.240  -1.069 3.484 2.014  5.610 43.679 -1.977 -0.122 3.336 7.499  -2.692 
44.065 2 AA_DC2DC3:DA6DG7_AA A 2 ? A 7 ? A 3 ? A 6 ? 
1 A DC 3 1_555 A DA 6 7_555 A DC 4 1_555 A DG 5 7_555 -0.175 -1.710 3.007 4.084  5.355 25.731 -4.935 1.308  2.548 11.770 -8.977 
26.583 3 AA_DC3DC4:DG5DA6_AA A 3 ? A 6 ? A 4 ? A 5 ? 
1 A DC 4 1_555 A DG 5 7_555 A DG 5 1_555 A DC 4 7_555 0.000  -2.026 3.109 0.000  7.569 19.531 -8.271 0.000  2.178 21.306 0.000  
20.933 4 AA_DC4DG5:DC4DG5_AA A 4 ? A 5 ? A 5 ? A 4 ? 
1 A DG 5 1_555 A DC 4 7_555 A DA 6 1_555 A DC 3 7_555 0.175  -1.710 3.007 -4.084 5.355 25.731 -4.935 -1.308 2.548 11.770 8.977  
26.583 5 AA_DG5DA6:DC3DC4_AA A 5 ? A 4 ? A 6 ? A 3 ? 
1 A DA 6 1_555 A DC 3 7_555 A DG 7 1_555 A DC 2 7_555 -0.240 -1.069 3.484 -2.014 5.610 43.679 -1.977 0.122  3.336 7.499  2.692  
44.065 6 AA_DA6DG7:DC2DC3_AA A 6 ? A 3 ? A 7 ? A 2 ? 
1 A DG 7 1_555 A DC 2 7_555 A DC 8 1_555 A DG 1 7_555 -0.728 -1.099 3.015 0.430  8.020 33.596 -2.950 1.285  2.680 13.635 -0.732 
34.516 7 AA_DG7DC8:DG1DC2_AA A 7 ? A 2 ? A 8 ? A 1 ? 
# 
_pdbx_audit_support.funding_organization   'National Natural Science Foundation of China' 
_pdbx_audit_support.country                China 
_pdbx_audit_support.grant_number           31370728 
_pdbx_audit_support.ordinal                1 
# 
_pdbx_entity_nonpoly.entity_id   2 
_pdbx_entity_nonpoly.name        water 
_pdbx_entity_nonpoly.comp_id     HOH 
# 
_pdbx_initial_refinement_model.id               1 
_pdbx_initial_refinement_model.entity_id_list   ? 
_pdbx_initial_refinement_model.type             'experimental model' 
_pdbx_initial_refinement_model.source_name      PDB 
_pdbx_initial_refinement_model.accession_code   5WSP 
_pdbx_initial_refinement_model.details          ? 
# 
_pdbx_struct_assembly_auth_evidence.id                     1 
_pdbx_struct_assembly_auth_evidence.assembly_id            1 
_pdbx_struct_assembly_auth_evidence.experimental_support   none 
_pdbx_struct_assembly_auth_evidence.details                ? 
# 
